data_3A8X
#
_entry.id   3A8X
#
_cell.length_a   84.896
_cell.length_b   89.153
_cell.length_c   204.265
_cell.angle_alpha   90.000
_cell.angle_beta   90.000
_cell.angle_gamma   90.000
#
_symmetry.space_group_name_H-M   'C 2 2 21'
#
loop_
_entity.id
_entity.type
_entity.pdbx_description
1 polymer 'Protein kinase C iota type'
2 non-polymer 'SULFATE ION'
3 water water
#
_entity_poly.entity_id   1
_entity_poly.type   'polypeptide(L)'
_entity_poly.pdbx_seq_one_letter_code
;GAMDPLGLQDFDLLRVIGRGSYAKVLLVRLKKTDRIYAMKVVKKELVNDDEDIDWVQTEKHVFEQASNHPFLVGLHSCFQ
TESRLFFVIEYVNGGDLMFHMQRQRKLPEEHARFYSAEISLALNYLHERGIIYRDLKLDNVLLDSEGHIKLTDYGMCKEG
LRPGDTTS(TPO)FCGTPNYIAPEILRGEDYGFSVDWWALGVLMFEMMAGRSPFDIVGSSDNPDQNTEDYLFQVILEKQI
RIPRSLSVKAASVLKSFLNKDPKERLGCHPQTGFADIQGHPFFRNVDWDMMEQKQVVPPFKPNISGEFGLDNFDSQFTNE
PVQL(TPO)PDDDDIVRKIDQSEFEGFEYINPL
;
_entity_poly.pdbx_strand_id   A,B
#
loop_
_chem_comp.id
_chem_comp.type
_chem_comp.name
_chem_comp.formula
SO4 non-polymer 'SULFATE ION' 'O4 S -2'
#
# COMPACT_ATOMS: atom_id res chain seq x y z
N MET A 3 12.28 -9.16 10.62
CA MET A 3 11.71 -7.92 10.02
C MET A 3 12.81 -7.05 9.42
N ASP A 4 13.83 -7.69 8.83
CA ASP A 4 14.82 -6.99 8.02
C ASP A 4 14.18 -6.47 6.72
N PRO A 5 14.87 -5.54 6.05
CA PRO A 5 14.37 -5.05 4.76
C PRO A 5 14.38 -6.12 3.66
N LEU A 6 13.45 -5.99 2.72
CA LEU A 6 13.30 -6.99 1.64
C LEU A 6 14.61 -7.29 0.91
N GLY A 7 14.82 -8.56 0.60
CA GLY A 7 15.86 -8.96 -0.33
C GLY A 7 15.35 -10.02 -1.31
N LEU A 8 16.26 -10.54 -2.13
CA LEU A 8 15.90 -11.53 -3.13
C LEU A 8 15.21 -12.76 -2.56
N GLN A 9 15.74 -13.26 -1.44
CA GLN A 9 15.19 -14.45 -0.79
C GLN A 9 13.71 -14.31 -0.39
N ASP A 10 13.20 -13.08 -0.38
CA ASP A 10 11.83 -12.81 0.00
C ASP A 10 10.82 -13.08 -1.12
N PHE A 11 11.31 -13.47 -2.30
CA PHE A 11 10.46 -13.58 -3.48
C PHE A 11 10.52 -14.98 -4.07
N ASP A 12 9.38 -15.46 -4.57
CA ASP A 12 9.38 -16.59 -5.49
C ASP A 12 9.47 -16.03 -6.91
N LEU A 13 10.33 -16.61 -7.73
CA LEU A 13 10.40 -16.26 -9.15
C LEU A 13 9.45 -17.15 -9.94
N LEU A 14 8.52 -16.55 -10.67
CA LEU A 14 7.41 -17.32 -11.26
C LEU A 14 7.51 -17.50 -12.79
N ARG A 15 7.91 -16.44 -13.49
CA ARG A 15 8.05 -16.52 -14.94
C ARG A 15 9.03 -15.45 -15.38
N VAL A 16 9.59 -15.63 -16.57
CA VAL A 16 10.26 -14.54 -17.26
C VAL A 16 9.23 -13.88 -18.15
N ILE A 17 9.09 -12.56 -18.09
CA ILE A 17 8.04 -11.89 -18.85
C ILE A 17 8.52 -10.85 -19.85
N GLY A 18 9.80 -10.53 -19.82
CA GLY A 18 10.31 -9.37 -20.56
C GLY A 18 11.83 -9.29 -20.61
N ARG A 19 12.33 -8.57 -21.62
CA ARG A 19 13.76 -8.31 -21.76
C ARG A 19 13.91 -7.06 -22.59
N GLY A 20 14.76 -6.14 -22.13
CA GLY A 20 15.12 -4.98 -22.92
C GLY A 20 16.63 -4.88 -23.08
N SER A 21 17.11 -3.69 -23.41
CA SER A 21 18.53 -3.48 -23.66
C SER A 21 19.41 -3.94 -22.48
N TYR A 22 18.93 -3.70 -21.27
CA TYR A 22 19.82 -3.75 -20.10
C TYR A 22 19.20 -4.53 -18.95
N ALA A 23 18.01 -5.09 -19.18
CA ALA A 23 17.23 -5.65 -18.09
C ALA A 23 16.48 -6.92 -18.47
N LYS A 24 16.28 -7.78 -17.49
CA LYS A 24 15.44 -8.97 -17.63
C LYS A 24 14.23 -8.72 -16.71
N VAL A 25 13.02 -9.00 -17.17
CA VAL A 25 11.82 -8.83 -16.33
C VAL A 25 11.17 -10.17 -15.94
N LEU A 26 11.00 -10.41 -14.64
CA LEU A 26 10.35 -11.61 -14.14
C LEU A 26 9.01 -11.26 -13.49
N LEU A 27 8.10 -12.21 -13.51
CA LEU A 27 6.94 -12.25 -12.62
C LEU A 27 7.40 -12.85 -11.31
N VAL A 28 7.09 -12.18 -10.19
CA VAL A 28 7.50 -12.69 -8.87
C VAL A 28 6.37 -12.64 -7.85
N ARG A 29 6.55 -13.30 -6.72
CA ARG A 29 5.59 -13.24 -5.63
C ARG A 29 6.36 -12.95 -4.35
N LEU A 30 5.93 -11.93 -3.63
CA LEU A 30 6.48 -11.60 -2.33
C LEU A 30 5.89 -12.60 -1.31
N LYS A 31 6.74 -13.48 -0.79
CA LYS A 31 6.23 -14.61 -0.02
C LYS A 31 5.41 -14.15 1.18
N LYS A 32 5.93 -13.15 1.89
CA LYS A 32 5.30 -12.56 3.09
C LYS A 32 3.81 -12.28 2.90
N THR A 33 3.50 -11.62 1.80
CA THR A 33 2.19 -11.01 1.58
C THR A 33 1.41 -11.75 0.50
N ASP A 34 2.09 -12.62 -0.25
CA ASP A 34 1.44 -13.38 -1.32
C ASP A 34 1.01 -12.49 -2.49
N ARG A 35 1.60 -11.31 -2.60
CA ARG A 35 1.28 -10.43 -3.71
C ARG A 35 2.23 -10.63 -4.89
N ILE A 36 1.74 -10.32 -6.10
CA ILE A 36 2.46 -10.57 -7.33
C ILE A 36 2.94 -9.24 -7.88
N TYR A 37 4.17 -9.20 -8.39
CA TYR A 37 4.77 -7.99 -8.97
C TYR A 37 5.55 -8.40 -10.21
N ALA A 38 5.91 -7.43 -11.04
CA ALA A 38 6.99 -7.67 -11.96
C ALA A 38 8.28 -7.28 -11.25
N MET A 39 9.41 -7.79 -11.74
CA MET A 39 10.70 -7.46 -11.16
C MET A 39 11.71 -7.22 -12.26
N LYS A 40 12.18 -5.98 -12.36
CA LYS A 40 13.17 -5.61 -13.36
C LYS A 40 14.57 -5.83 -12.80
N VAL A 41 15.37 -6.62 -13.51
CA VAL A 41 16.66 -7.05 -13.01
C VAL A 41 17.78 -6.51 -13.89
N VAL A 42 18.67 -5.73 -13.30
CA VAL A 42 19.76 -5.11 -14.04
C VAL A 42 21.11 -5.56 -13.47
N LYS A 43 21.95 -6.13 -14.34
CA LYS A 43 23.29 -6.54 -13.92
C LYS A 43 24.20 -5.34 -13.70
N LYS A 44 24.76 -5.24 -12.50
CA LYS A 44 25.60 -4.10 -12.15
C LYS A 44 26.76 -3.91 -13.13
N GLU A 45 27.21 -5.00 -13.76
CA GLU A 45 28.34 -4.94 -14.67
C GLU A 45 27.99 -4.16 -15.94
N LEU A 46 26.70 -3.91 -16.13
CA LEU A 46 26.23 -3.11 -17.26
C LEU A 46 26.17 -1.63 -16.92
N VAL A 47 26.15 -1.30 -15.64
CA VAL A 47 25.89 0.07 -15.21
C VAL A 47 26.84 0.54 -14.13
N ASN A 48 28.12 0.18 -14.26
CA ASN A 48 29.10 0.50 -13.23
C ASN A 48 29.95 1.73 -13.55
N ASP A 49 29.74 2.31 -14.73
CA ASP A 49 30.54 3.45 -15.15
C ASP A 49 29.89 4.79 -14.83
N ASP A 50 30.69 5.85 -14.97
CA ASP A 50 30.21 7.24 -15.02
C ASP A 50 28.70 7.41 -15.19
N GLU A 51 28.28 7.55 -16.45
CA GLU A 51 26.93 8.04 -16.76
C GLU A 51 25.85 7.02 -16.44
N ASP A 52 26.27 5.76 -16.24
CA ASP A 52 25.34 4.72 -15.84
C ASP A 52 24.70 5.04 -14.49
N ILE A 53 25.54 5.28 -13.48
CA ILE A 53 25.05 5.53 -12.13
C ILE A 53 23.95 6.59 -12.11
N ASP A 54 24.22 7.72 -12.75
CA ASP A 54 23.23 8.79 -12.90
C ASP A 54 21.93 8.28 -13.53
N TRP A 55 22.06 7.39 -14.51
CA TRP A 55 20.93 6.94 -15.30
C TRP A 55 20.07 5.94 -14.52
N VAL A 56 20.72 5.09 -13.73
CA VAL A 56 20.03 4.19 -12.82
C VAL A 56 19.26 5.01 -11.79
N GLN A 57 19.89 6.08 -11.31
CA GLN A 57 19.27 6.97 -10.35
C GLN A 57 18.02 7.66 -10.90
N THR A 58 18.10 8.11 -12.15
CA THR A 58 16.96 8.73 -12.81
C THR A 58 15.77 7.79 -12.89
N GLU A 59 16.01 6.57 -13.35
CA GLU A 59 14.92 5.60 -13.48
C GLU A 59 14.30 5.38 -12.11
N LYS A 60 15.16 5.33 -11.10
CA LYS A 60 14.71 5.12 -9.74
C LYS A 60 13.82 6.28 -9.28
N HIS A 61 14.23 7.51 -9.58
CA HIS A 61 13.48 8.67 -9.15
C HIS A 61 12.17 8.81 -9.92
N VAL A 62 12.19 8.51 -11.21
CA VAL A 62 10.96 8.59 -11.99
C VAL A 62 9.94 7.57 -11.47
N PHE A 63 10.43 6.37 -11.17
CA PHE A 63 9.59 5.35 -10.53
C PHE A 63 8.87 5.88 -9.29
N GLU A 64 9.59 6.61 -8.45
CA GLU A 64 8.99 7.13 -7.22
C GLU A 64 7.92 8.16 -7.55
N GLN A 65 8.27 9.11 -8.43
CA GLN A 65 7.33 10.12 -8.89
C GLN A 65 6.13 9.52 -9.61
N ALA A 66 6.40 8.55 -10.49
CA ALA A 66 5.32 7.76 -11.09
C ALA A 66 4.32 7.38 -10.02
N SER A 67 4.56 7.89 -8.80
CA SER A 67 3.69 7.67 -7.65
C SER A 67 2.90 6.39 -7.75
N ASN A 68 1.69 6.43 -7.24
CA ASN A 68 0.64 5.52 -7.63
C ASN A 68 -0.32 6.18 -8.64
N HIS A 69 0.22 7.04 -9.51
CA HIS A 69 -0.57 7.57 -10.61
C HIS A 69 -1.13 6.39 -11.40
N PRO A 70 -2.42 6.46 -11.75
CA PRO A 70 -3.11 5.30 -12.30
C PRO A 70 -2.60 4.86 -13.68
N PHE A 71 -1.94 5.75 -14.42
CA PHE A 71 -1.51 5.45 -15.77
C PHE A 71 0.03 5.37 -15.94
N LEU A 72 0.73 5.17 -14.83
CA LEU A 72 2.18 4.94 -14.85
C LEU A 72 2.49 3.69 -14.05
N VAL A 73 3.53 2.96 -14.44
CA VAL A 73 3.98 1.79 -13.69
C VAL A 73 4.68 2.24 -12.40
N GLY A 74 4.18 1.75 -11.26
CA GLY A 74 4.68 2.19 -9.96
C GLY A 74 5.73 1.26 -9.39
N LEU A 75 6.47 1.75 -8.39
CA LEU A 75 7.57 1.01 -7.78
C LEU A 75 7.21 0.50 -6.38
N HIS A 76 7.32 -0.80 -6.18
CA HIS A 76 7.10 -1.35 -4.86
C HIS A 76 8.35 -1.26 -3.99
N SER A 77 9.50 -1.64 -4.55
CA SER A 77 10.72 -1.68 -3.78
C SER A 77 11.96 -1.83 -4.66
N CYS A 78 13.11 -1.50 -4.08
CA CYS A 78 14.42 -1.81 -4.69
C CYS A 78 15.22 -2.61 -3.69
N PHE A 79 16.04 -3.53 -4.22
CA PHE A 79 17.12 -4.12 -3.44
C PHE A 79 18.24 -4.56 -4.38
N GLN A 80 19.33 -5.09 -3.82
CA GLN A 80 20.45 -5.47 -4.65
C GLN A 80 21.03 -6.79 -4.15
N THR A 81 21.72 -7.48 -5.04
CA THR A 81 22.68 -8.47 -4.61
C THR A 81 24.07 -7.99 -4.98
N GLU A 82 25.04 -8.86 -4.76
CA GLU A 82 26.37 -8.69 -5.29
C GLU A 82 26.39 -8.18 -6.73
N SER A 83 25.70 -8.88 -7.62
CA SER A 83 25.85 -8.65 -9.04
C SER A 83 24.70 -7.88 -9.71
N ARG A 84 23.60 -7.69 -8.99
CA ARG A 84 22.36 -7.22 -9.61
C ARG A 84 21.62 -6.12 -8.83
N LEU A 85 20.94 -5.25 -9.57
CA LEU A 85 19.92 -4.36 -9.04
C LEU A 85 18.53 -4.87 -9.40
N PHE A 86 17.58 -4.71 -8.48
CA PHE A 86 16.22 -5.22 -8.67
C PHE A 86 15.23 -4.11 -8.39
N PHE A 87 14.36 -3.84 -9.35
CA PHE A 87 13.22 -2.96 -9.16
C PHE A 87 11.97 -3.83 -9.14
N VAL A 88 11.28 -3.87 -7.99
CA VAL A 88 9.99 -4.59 -7.90
C VAL A 88 8.86 -3.60 -8.23
N ILE A 89 8.14 -3.90 -9.31
CA ILE A 89 7.23 -2.97 -9.93
C ILE A 89 5.84 -3.58 -10.14
N GLU A 90 4.85 -2.75 -10.42
CA GLU A 90 3.52 -3.25 -10.74
C GLU A 90 3.59 -4.25 -11.88
N TYR A 91 2.91 -5.38 -11.71
CA TYR A 91 2.73 -6.34 -12.80
C TYR A 91 1.55 -5.93 -13.67
N VAL A 92 1.83 -5.64 -14.93
CA VAL A 92 0.81 -5.15 -15.84
C VAL A 92 0.65 -6.13 -17.01
N ASN A 93 -0.50 -6.77 -17.12
CA ASN A 93 -0.59 -8.00 -17.92
C ASN A 93 -1.59 -7.99 -19.08
N GLY A 94 -2.01 -6.81 -19.55
CA GLY A 94 -2.96 -6.71 -20.65
C GLY A 94 -2.34 -6.73 -22.02
N GLY A 95 -1.01 -6.78 -22.07
CA GLY A 95 -0.30 -6.62 -23.33
C GLY A 95 0.12 -5.18 -23.52
N ASP A 96 0.46 -4.82 -24.75
CA ASP A 96 0.85 -3.45 -25.09
C ASP A 96 0.18 -3.01 -26.39
N LEU A 97 0.28 -1.71 -26.71
CA LEU A 97 -0.46 -1.16 -27.84
C LEU A 97 0.14 -1.58 -29.18
N MET A 98 1.40 -2.02 -29.19
CA MET A 98 1.97 -2.59 -30.41
C MET A 98 1.29 -3.92 -30.77
N PHE A 99 1.24 -4.85 -29.83
CA PHE A 99 0.53 -6.12 -30.03
C PHE A 99 -0.93 -5.86 -30.37
N HIS A 100 -1.54 -4.91 -29.65
CA HIS A 100 -2.91 -4.47 -29.96
C HIS A 100 -3.10 -3.99 -31.40
N MET A 101 -2.27 -3.05 -31.85
CA MET A 101 -2.43 -2.58 -33.22
C MET A 101 -2.18 -3.70 -34.22
N GLN A 102 -1.29 -4.62 -33.89
CA GLN A 102 -0.96 -5.70 -34.84
C GLN A 102 -2.16 -6.63 -35.05
N ARG A 103 -2.94 -6.81 -33.99
CA ARG A 103 -4.20 -7.54 -34.07
C ARG A 103 -5.39 -6.72 -34.61
N GLN A 104 -5.62 -5.52 -34.09
CA GLN A 104 -6.80 -4.73 -34.45
C GLN A 104 -6.64 -3.99 -35.80
N ARG A 105 -5.39 -3.78 -36.21
CA ARG A 105 -5.04 -3.20 -37.51
C ARG A 105 -5.21 -1.69 -37.54
N LYS A 106 -6.34 -1.22 -36.99
CA LYS A 106 -6.73 0.17 -37.05
C LYS A 106 -7.87 0.34 -36.06
N LEU A 107 -7.80 1.40 -35.25
CA LEU A 107 -8.75 1.60 -34.16
C LEU A 107 -9.79 2.65 -34.53
N PRO A 108 -11.03 2.45 -34.07
CA PRO A 108 -12.02 3.53 -34.10
C PRO A 108 -11.51 4.79 -33.41
N GLU A 109 -11.91 5.95 -33.92
CA GLU A 109 -11.55 7.21 -33.31
C GLU A 109 -11.89 7.24 -31.83
N GLU A 110 -13.07 6.78 -31.44
CA GLU A 110 -13.41 6.73 -30.02
C GLU A 110 -12.41 5.93 -29.18
N HIS A 111 -11.90 4.82 -29.72
CA HIS A 111 -10.91 4.02 -29.00
C HIS A 111 -9.60 4.78 -28.83
N ALA A 112 -9.15 5.40 -29.91
CA ALA A 112 -7.91 6.17 -29.89
C ALA A 112 -8.03 7.41 -29.00
N ARG A 113 -9.25 7.94 -28.90
CA ARG A 113 -9.48 9.08 -28.00
C ARG A 113 -9.28 8.63 -26.54
N PHE A 114 -9.87 7.51 -26.18
CA PHE A 114 -9.72 6.95 -24.83
C PHE A 114 -8.24 6.74 -24.48
N TYR A 115 -7.50 6.03 -25.32
CA TYR A 115 -6.07 5.81 -25.04
C TYR A 115 -5.28 7.12 -24.98
N SER A 116 -5.49 7.99 -25.97
CA SER A 116 -4.84 9.30 -26.02
C SER A 116 -5.10 10.14 -24.76
N ALA A 117 -6.35 10.14 -24.28
CA ALA A 117 -6.69 10.91 -23.09
C ALA A 117 -5.94 10.37 -21.87
N GLU A 118 -5.88 9.05 -21.74
CA GLU A 118 -5.19 8.47 -20.60
C GLU A 118 -3.69 8.72 -20.65
N ILE A 119 -3.13 8.64 -21.86
CA ILE A 119 -1.71 8.90 -22.05
C ILE A 119 -1.40 10.38 -21.80
N SER A 120 -2.29 11.26 -22.27
CA SER A 120 -2.14 12.70 -22.01
C SER A 120 -2.08 13.00 -20.50
N LEU A 121 -2.93 12.33 -19.73
CA LEU A 121 -2.95 12.49 -18.28
C LEU A 121 -1.64 12.01 -17.64
N ALA A 122 -1.13 10.86 -18.10
CA ALA A 122 0.17 10.35 -17.64
C ALA A 122 1.32 11.30 -17.96
N LEU A 123 1.35 11.79 -19.20
CA LEU A 123 2.43 12.65 -19.64
C LEU A 123 2.41 13.99 -18.90
N ASN A 124 1.22 14.54 -18.73
CA ASN A 124 1.07 15.82 -18.05
C ASN A 124 1.51 15.69 -16.60
N TYR A 125 1.21 14.56 -15.99
CA TYR A 125 1.56 14.37 -14.58
C TYR A 125 3.09 14.31 -14.44
N LEU A 126 3.74 13.53 -15.32
CA LEU A 126 5.20 13.56 -15.45
C LEU A 126 5.77 14.98 -15.61
N HIS A 127 5.28 15.70 -16.63
CA HIS A 127 5.76 17.06 -16.89
C HIS A 127 5.60 17.97 -15.66
N GLU A 128 4.47 17.85 -14.97
CA GLU A 128 4.22 18.63 -13.76
C GLU A 128 5.22 18.28 -12.65
N ARG A 129 5.88 17.12 -12.79
CA ARG A 129 6.86 16.67 -11.81
C ARG A 129 8.31 16.92 -12.27
N GLY A 130 8.48 17.57 -13.41
CA GLY A 130 9.81 17.89 -13.91
C GLY A 130 10.41 16.83 -14.79
N ILE A 131 9.58 15.93 -15.32
CA ILE A 131 10.08 14.79 -16.09
C ILE A 131 9.66 14.84 -17.55
N ILE A 132 10.64 14.75 -18.45
CA ILE A 132 10.36 14.42 -19.85
C ILE A 132 10.48 12.92 -20.09
N TYR A 133 9.45 12.35 -20.70
CA TYR A 133 9.37 10.91 -20.92
C TYR A 133 10.36 10.46 -22.00
N ARG A 134 10.26 11.05 -23.18
CA ARG A 134 11.25 10.87 -24.24
C ARG A 134 11.23 9.51 -24.93
N ASP A 135 10.40 8.59 -24.47
CA ASP A 135 10.28 7.29 -25.16
C ASP A 135 8.86 6.80 -25.39
N LEU A 136 7.95 7.73 -25.71
CA LEU A 136 6.58 7.33 -26.01
C LEU A 136 6.52 6.66 -27.38
N LYS A 137 6.08 5.40 -27.36
CA LYS A 137 5.92 4.61 -28.57
C LYS A 137 4.96 3.46 -28.26
N LEU A 138 4.42 2.84 -29.30
CA LEU A 138 3.35 1.85 -29.11
C LEU A 138 3.71 0.74 -28.12
N ASP A 139 4.93 0.20 -28.18
CA ASP A 139 5.23 -0.89 -27.24
C ASP A 139 5.62 -0.49 -25.83
N ASN A 140 5.72 0.82 -25.58
CA ASN A 140 5.90 1.34 -24.23
C ASN A 140 4.59 1.74 -23.56
N VAL A 141 3.47 1.54 -24.26
CA VAL A 141 2.16 1.75 -23.67
C VAL A 141 1.53 0.40 -23.39
N LEU A 142 1.55 0.00 -22.13
CA LEU A 142 0.94 -1.26 -21.71
C LEU A 142 -0.55 -1.10 -21.49
N LEU A 143 -1.29 -2.18 -21.66
CA LEU A 143 -2.65 -2.28 -21.16
C LEU A 143 -2.65 -3.09 -19.88
N ASP A 144 -3.35 -2.61 -18.86
CA ASP A 144 -3.59 -3.42 -17.68
C ASP A 144 -4.77 -4.36 -17.93
N SER A 145 -5.09 -5.21 -16.96
CA SER A 145 -6.00 -6.33 -17.21
C SER A 145 -7.39 -5.86 -17.58
N GLU A 146 -7.71 -4.61 -17.24
CA GLU A 146 -9.04 -4.05 -17.51
C GLU A 146 -9.10 -3.28 -18.83
N GLY A 147 -7.95 -2.91 -19.34
CA GLY A 147 -7.89 -2.17 -20.61
C GLY A 147 -7.48 -0.71 -20.49
N HIS A 148 -7.15 -0.28 -19.27
CA HIS A 148 -6.55 1.02 -19.05
C HIS A 148 -5.06 1.03 -19.41
N ILE A 149 -4.50 2.19 -19.77
CA ILE A 149 -3.10 2.24 -20.18
C ILE A 149 -2.15 2.44 -18.99
N LYS A 150 -0.91 2.02 -19.18
CA LYS A 150 0.18 2.39 -18.30
C LYS A 150 1.44 2.65 -19.10
N LEU A 151 2.00 3.83 -18.96
CA LEU A 151 3.31 4.12 -19.54
C LEU A 151 4.39 3.32 -18.80
N THR A 152 5.34 2.77 -19.55
CA THR A 152 6.44 2.02 -18.94
C THR A 152 7.82 2.40 -19.50
N ASP A 153 8.87 1.89 -18.86
CA ASP A 153 10.25 2.07 -19.32
C ASP A 153 10.75 3.52 -19.26
N TYR A 154 11.24 3.91 -18.09
CA TYR A 154 11.60 5.30 -17.82
C TYR A 154 13.08 5.56 -18.07
N GLY A 155 13.74 4.60 -18.72
CA GLY A 155 15.17 4.67 -18.95
C GLY A 155 15.66 5.82 -19.81
N MET A 156 14.76 6.43 -20.58
CA MET A 156 15.14 7.54 -21.47
C MET A 156 14.80 8.90 -20.86
N CYS A 157 14.16 8.89 -19.69
CA CYS A 157 13.56 10.09 -19.11
C CYS A 157 14.61 11.18 -18.83
N LYS A 158 14.17 12.42 -18.85
CA LYS A 158 14.89 13.50 -18.17
C LYS A 158 14.11 13.89 -16.92
N GLU A 159 14.79 13.98 -15.78
CA GLU A 159 14.14 14.42 -14.55
C GLU A 159 14.74 15.73 -14.00
N GLY A 160 14.04 16.33 -13.05
CA GLY A 160 14.60 17.45 -12.28
C GLY A 160 14.43 18.78 -12.97
N LEU A 161 13.66 18.78 -14.06
CA LEU A 161 13.55 19.96 -14.90
C LEU A 161 12.50 20.95 -14.37
N ARG A 162 12.89 22.21 -14.22
CA ARG A 162 11.95 23.28 -13.87
C ARG A 162 11.08 23.63 -15.07
N PRO A 163 9.82 24.00 -14.82
CA PRO A 163 9.01 24.37 -15.97
C PRO A 163 9.72 25.42 -16.82
N GLY A 164 9.80 25.19 -18.13
CA GLY A 164 10.40 26.18 -19.02
C GLY A 164 11.92 26.15 -19.07
N ASP A 165 12.53 25.26 -18.31
CA ASP A 165 13.94 24.90 -18.54
C ASP A 165 14.00 23.81 -19.61
N THR A 166 15.18 23.62 -20.20
CA THR A 166 15.30 22.71 -21.33
C THR A 166 16.49 21.79 -21.17
N THR A 167 16.59 20.79 -22.04
CA THR A 167 17.71 19.86 -22.05
C THR A 167 18.05 19.54 -23.52
N SER A 168 19.08 18.74 -23.75
CA SER A 168 19.62 18.64 -25.12
C SER A 168 20.12 17.28 -25.59
N TPO A 169 20.02 16.27 -24.74
CA TPO A 169 20.41 14.92 -25.15
CB TPO A 169 20.16 13.96 -23.99
CG2 TPO A 169 20.70 12.57 -24.31
OG1 TPO A 169 20.81 14.48 -22.84
P TPO A 169 19.97 14.93 -21.55
O1P TPO A 169 19.54 13.63 -20.95
O2P TPO A 169 18.85 15.79 -22.11
O3P TPO A 169 20.94 15.72 -20.70
C TPO A 169 19.61 14.48 -26.34
O TPO A 169 18.38 14.52 -26.32
N PHE A 170 20.32 14.10 -27.39
CA PHE A 170 19.69 13.49 -28.56
C PHE A 170 19.41 12.01 -28.30
N CYS A 171 18.19 11.59 -28.60
CA CYS A 171 17.44 10.77 -27.67
C CYS A 171 16.14 10.25 -28.28
N GLY A 172 15.96 8.93 -28.29
CA GLY A 172 14.62 8.36 -28.46
C GLY A 172 14.57 7.23 -29.46
N THR A 173 13.36 6.86 -29.88
CA THR A 173 13.16 5.93 -30.98
C THR A 173 12.83 6.68 -32.26
N PRO A 174 13.60 6.42 -33.34
CA PRO A 174 13.63 7.24 -34.54
C PRO A 174 12.26 7.64 -35.08
N ASN A 175 11.37 6.68 -35.24
CA ASN A 175 10.03 6.97 -35.77
C ASN A 175 9.30 8.03 -34.96
N TYR A 176 9.65 8.18 -33.68
CA TYR A 176 8.91 9.06 -32.79
C TYR A 176 9.64 10.36 -32.45
N ILE A 177 10.89 10.46 -32.89
CA ILE A 177 11.74 11.58 -32.47
C ILE A 177 11.25 12.90 -33.04
N ALA A 178 11.21 13.91 -32.18
CA ALA A 178 10.58 15.17 -32.51
C ALA A 178 11.56 16.05 -33.26
N PRO A 179 11.07 16.82 -34.24
CA PRO A 179 11.95 17.57 -35.15
C PRO A 179 12.92 18.50 -34.42
N GLU A 180 12.47 19.13 -33.33
CA GLU A 180 13.36 19.97 -32.51
C GLU A 180 14.64 19.20 -32.26
N ILE A 181 14.47 17.98 -31.79
CA ILE A 181 15.61 17.13 -31.45
C ILE A 181 16.49 16.89 -32.68
N LEU A 182 15.87 16.67 -33.82
CA LEU A 182 16.59 16.41 -35.05
C LEU A 182 17.33 17.65 -35.57
N ARG A 183 16.87 18.83 -35.16
CA ARG A 183 17.46 20.08 -35.61
C ARG A 183 18.55 20.53 -34.63
N GLY A 184 18.79 19.72 -33.61
CA GLY A 184 19.83 19.99 -32.62
C GLY A 184 19.45 21.01 -31.56
N GLU A 185 18.17 21.36 -31.50
CA GLU A 185 17.72 22.43 -30.60
C GLU A 185 17.55 21.94 -29.16
N ASP A 186 17.70 22.86 -28.20
CA ASP A 186 17.36 22.55 -26.80
C ASP A 186 15.84 22.38 -26.69
N TYR A 187 15.39 21.44 -25.86
CA TYR A 187 13.97 21.08 -25.84
C TYR A 187 13.38 20.78 -24.46
N GLY A 188 12.07 20.96 -24.34
CA GLY A 188 11.35 20.65 -23.11
C GLY A 188 10.32 19.55 -23.28
N PHE A 189 9.23 19.64 -22.54
CA PHE A 189 8.17 18.64 -22.55
C PHE A 189 7.52 18.48 -23.93
N SER A 190 7.81 19.42 -24.83
CA SER A 190 7.19 19.45 -26.16
C SER A 190 7.35 18.15 -26.93
N VAL A 191 8.48 17.47 -26.72
CA VAL A 191 8.83 16.31 -27.53
C VAL A 191 7.88 15.12 -27.26
N ASP A 192 7.35 15.06 -26.03
CA ASP A 192 6.36 14.04 -25.67
C ASP A 192 5.06 14.26 -26.43
N TRP A 193 4.62 15.50 -26.54
CA TRP A 193 3.36 15.78 -27.23
C TRP A 193 3.46 15.51 -28.73
N TRP A 194 4.63 15.74 -29.31
CA TRP A 194 4.85 15.32 -30.69
C TRP A 194 4.69 13.81 -30.80
N ALA A 195 5.32 13.08 -29.89
CA ALA A 195 5.28 11.62 -29.89
C ALA A 195 3.86 11.10 -29.75
N LEU A 196 3.04 11.79 -28.95
CA LEU A 196 1.63 11.44 -28.83
C LEU A 196 0.95 11.59 -30.18
N GLY A 197 1.27 12.66 -30.89
CA GLY A 197 0.71 12.89 -32.22
C GLY A 197 0.99 11.73 -33.16
N VAL A 198 2.22 11.25 -33.16
CA VAL A 198 2.61 10.13 -34.02
C VAL A 198 1.87 8.87 -33.62
N LEU A 199 1.78 8.63 -32.33
CA LEU A 199 1.11 7.45 -31.82
C LEU A 199 -0.38 7.50 -32.15
N MET A 200 -0.97 8.69 -32.03
CA MET A 200 -2.39 8.84 -32.37
C MET A 200 -2.61 8.60 -33.86
N PHE A 201 -1.73 9.16 -34.69
CA PHE A 201 -1.81 8.89 -36.12
C PHE A 201 -1.73 7.39 -36.38
N GLU A 202 -0.78 6.72 -35.71
CA GLU A 202 -0.66 5.25 -35.83
C GLU A 202 -1.92 4.48 -35.43
N MET A 203 -2.53 4.86 -34.30
CA MET A 203 -3.75 4.21 -33.85
C MET A 203 -4.91 4.37 -34.83
N MET A 204 -5.08 5.56 -35.41
CA MET A 204 -6.27 5.83 -36.22
C MET A 204 -6.08 5.47 -37.69
N ALA A 205 -4.84 5.56 -38.18
CA ALA A 205 -4.51 5.18 -39.56
C ALA A 205 -4.03 3.74 -39.67
N GLY A 206 -3.50 3.19 -38.59
CA GLY A 206 -2.87 1.87 -38.61
C GLY A 206 -1.55 1.82 -39.37
N ARG A 207 -0.94 2.99 -39.57
CA ARG A 207 0.42 3.06 -40.10
C ARG A 207 1.09 4.31 -39.57
N SER A 208 2.41 4.37 -39.70
CA SER A 208 3.16 5.56 -39.33
C SER A 208 2.92 6.68 -40.34
N PRO A 209 2.88 7.93 -39.87
CA PRO A 209 2.75 9.07 -40.76
C PRO A 209 3.99 9.24 -41.65
N PHE A 210 5.04 8.50 -41.35
CA PHE A 210 6.30 8.66 -42.08
C PHE A 210 6.64 7.44 -42.94
N ASP A 211 5.62 6.64 -43.26
CA ASP A 211 5.82 5.31 -43.83
C ASP A 211 6.09 5.33 -45.34
N ILE A 212 6.14 6.51 -45.93
CA ILE A 212 6.66 6.65 -47.29
C ILE A 212 8.09 6.09 -47.37
N VAL A 213 8.82 6.16 -46.27
CA VAL A 213 10.18 5.65 -46.22
C VAL A 213 10.18 4.12 -46.30
N GLY A 214 10.50 3.60 -47.49
CA GLY A 214 10.41 2.17 -47.75
C GLY A 214 9.68 1.86 -49.05
N SER A 215 9.03 2.86 -49.62
CA SER A 215 8.39 2.71 -50.92
C SER A 215 9.42 2.68 -52.04
N THR A 223 18.70 4.52 -44.96
CA THR A 223 18.06 5.84 -45.03
C THR A 223 17.09 6.05 -43.87
N GLU A 224 17.48 5.56 -42.69
CA GLU A 224 16.95 6.07 -41.43
C GLU A 224 17.29 7.53 -41.26
N ASP A 225 18.25 8.01 -42.05
CA ASP A 225 18.54 9.43 -42.15
C ASP A 225 17.60 10.09 -43.15
N TYR A 226 16.98 9.27 -44.00
CA TYR A 226 15.89 9.74 -44.85
C TYR A 226 14.57 9.86 -44.08
N LEU A 227 14.31 8.89 -43.19
CA LEU A 227 13.24 9.05 -42.21
C LEU A 227 13.33 10.44 -41.56
N PHE A 228 14.52 10.78 -41.08
CA PHE A 228 14.72 12.04 -40.38
C PHE A 228 14.43 13.23 -41.29
N GLN A 229 14.83 13.13 -42.56
CA GLN A 229 14.54 14.19 -43.53
C GLN A 229 13.03 14.35 -43.74
N VAL A 230 12.34 13.22 -43.83
CA VAL A 230 10.88 13.22 -43.99
C VAL A 230 10.21 13.88 -42.79
N ILE A 231 10.65 13.52 -41.60
CA ILE A 231 10.10 14.09 -40.37
C ILE A 231 10.34 15.59 -40.30
N LEU A 232 11.55 16.02 -40.66
CA LEU A 232 11.88 17.45 -40.71
C LEU A 232 11.19 18.21 -41.83
N GLU A 233 11.09 17.60 -43.01
CA GLU A 233 10.82 18.36 -44.23
C GLU A 233 9.46 18.09 -44.89
N LYS A 234 8.91 16.90 -44.69
CA LYS A 234 7.70 16.51 -45.43
C LYS A 234 6.42 16.82 -44.66
N GLN A 235 5.43 17.37 -45.38
CA GLN A 235 4.11 17.60 -44.82
C GLN A 235 3.36 16.29 -44.64
N ILE A 236 2.86 16.06 -43.44
CA ILE A 236 2.09 14.86 -43.15
C ILE A 236 0.71 14.94 -43.78
N ARG A 237 0.30 13.85 -44.42
CA ARG A 237 -1.03 13.79 -45.00
C ARG A 237 -1.99 12.96 -44.16
N ILE A 238 -3.10 13.57 -43.75
CA ILE A 238 -4.09 12.87 -42.93
C ILE A 238 -5.00 12.01 -43.82
N PRO A 239 -5.11 10.72 -43.50
CA PRO A 239 -5.96 9.85 -44.33
C PRO A 239 -7.37 10.44 -44.47
N ARG A 240 -7.96 10.27 -45.65
CA ARG A 240 -9.30 10.79 -45.93
C ARG A 240 -10.38 10.19 -45.01
N SER A 241 -10.15 8.98 -44.53
CA SER A 241 -11.13 8.29 -43.71
C SER A 241 -11.31 8.91 -42.30
N LEU A 242 -10.37 9.77 -41.89
CA LEU A 242 -10.43 10.35 -40.55
C LEU A 242 -11.39 11.54 -40.45
N SER A 243 -12.07 11.67 -39.31
CA SER A 243 -12.95 12.81 -39.05
C SER A 243 -12.19 14.12 -39.16
N VAL A 244 -12.91 15.22 -39.28
CA VAL A 244 -12.29 16.53 -39.31
C VAL A 244 -11.63 16.85 -37.97
N LYS A 245 -12.27 16.45 -36.87
CA LYS A 245 -11.73 16.72 -35.54
C LYS A 245 -10.43 15.93 -35.32
N ALA A 246 -10.35 14.74 -35.89
CA ALA A 246 -9.12 13.93 -35.83
C ALA A 246 -8.00 14.57 -36.64
N ALA A 247 -8.32 15.00 -37.85
CA ALA A 247 -7.33 15.70 -38.67
C ALA A 247 -6.80 16.90 -37.88
N SER A 248 -7.69 17.60 -37.20
CA SER A 248 -7.30 18.82 -36.50
C SER A 248 -6.36 18.52 -35.33
N VAL A 249 -6.69 17.51 -34.52
CA VAL A 249 -5.86 17.22 -33.35
C VAL A 249 -4.50 16.66 -33.77
N LEU A 250 -4.50 15.86 -34.81
CA LEU A 250 -3.28 15.28 -35.31
C LEU A 250 -2.39 16.37 -35.88
N LYS A 251 -3.00 17.27 -36.66
CA LYS A 251 -2.26 18.39 -37.21
C LYS A 251 -1.65 19.28 -36.12
N SER A 252 -2.41 19.56 -35.06
CA SER A 252 -1.90 20.40 -33.98
C SER A 252 -0.78 19.75 -33.17
N PHE A 253 -0.94 18.46 -32.85
CA PHE A 253 0.12 17.72 -32.18
C PHE A 253 1.38 17.62 -33.04
N LEU A 254 1.21 17.55 -34.35
CA LEU A 254 2.33 17.30 -35.27
C LEU A 254 2.79 18.58 -35.97
N ASN A 255 2.58 19.70 -35.29
CA ASN A 255 3.25 20.95 -35.66
C ASN A 255 4.76 20.84 -35.45
N LYS A 256 5.52 21.11 -36.51
CA LYS A 256 6.97 21.00 -36.45
C LYS A 256 7.57 22.08 -35.54
N ASP A 257 6.78 23.11 -35.25
CA ASP A 257 7.24 24.19 -34.39
C ASP A 257 6.73 23.98 -32.97
N PRO A 258 7.62 23.57 -32.07
CA PRO A 258 7.25 23.14 -30.73
C PRO A 258 6.64 24.28 -29.92
N LYS A 259 6.81 25.51 -30.39
CA LYS A 259 6.17 26.65 -29.73
C LYS A 259 4.70 26.82 -30.11
N GLU A 260 4.33 26.31 -31.28
CA GLU A 260 2.95 26.42 -31.73
C GLU A 260 2.15 25.14 -31.47
N ARG A 261 2.82 24.11 -30.97
CA ARG A 261 2.27 22.77 -30.90
C ARG A 261 1.22 22.62 -29.79
N LEU A 262 0.11 21.97 -30.13
CA LEU A 262 -0.88 21.58 -29.12
C LEU A 262 -0.19 20.98 -27.91
N GLY A 263 -0.51 21.50 -26.74
CA GLY A 263 0.00 20.95 -25.49
C GLY A 263 1.22 21.67 -24.97
N CYS A 264 1.73 22.62 -25.74
CA CYS A 264 3.08 23.12 -25.50
C CYS A 264 3.13 24.57 -25.04
N HIS A 265 1.98 25.21 -24.94
CA HIS A 265 1.91 26.52 -24.32
C HIS A 265 2.37 26.45 -22.86
N PRO A 266 3.37 27.26 -22.50
CA PRO A 266 3.94 27.31 -21.15
C PRO A 266 2.90 27.40 -20.05
N GLN A 267 1.82 28.13 -20.29
CA GLN A 267 0.77 28.24 -19.28
C GLN A 267 -0.42 27.31 -19.53
N THR A 268 -0.96 27.33 -20.75
CA THR A 268 -2.27 26.71 -20.98
C THR A 268 -2.18 25.36 -21.70
N GLY A 269 -0.98 24.84 -21.89
CA GLY A 269 -0.78 23.68 -22.76
C GLY A 269 -1.74 22.53 -22.51
N PHE A 270 -1.81 22.03 -21.28
CA PHE A 270 -2.69 20.90 -20.99
C PHE A 270 -4.16 21.28 -21.07
N ALA A 271 -4.47 22.53 -20.72
CA ALA A 271 -5.86 23.00 -20.85
C ALA A 271 -6.25 23.08 -22.33
N ASP A 272 -5.30 23.46 -23.18
CA ASP A 272 -5.52 23.45 -24.63
C ASP A 272 -5.81 22.04 -25.14
N ILE A 273 -5.12 21.04 -24.60
CA ILE A 273 -5.42 19.67 -24.96
C ILE A 273 -6.84 19.30 -24.52
N GLN A 274 -7.17 19.57 -23.27
CA GLN A 274 -8.48 19.15 -22.75
C GLN A 274 -9.63 19.83 -23.47
N GLY A 275 -9.38 21.02 -23.99
CA GLY A 275 -10.43 21.83 -24.60
C GLY A 275 -10.48 21.66 -26.11
N HIS A 276 -9.58 20.85 -26.65
CA HIS A 276 -9.61 20.58 -28.10
C HIS A 276 -10.88 19.81 -28.50
N PRO A 277 -11.50 20.20 -29.61
CA PRO A 277 -12.75 19.61 -30.09
C PRO A 277 -12.72 18.07 -30.16
N PHE A 278 -11.55 17.50 -30.45
CA PHE A 278 -11.42 16.03 -30.53
C PHE A 278 -11.69 15.38 -29.18
N PHE A 279 -11.42 16.10 -28.11
CA PHE A 279 -11.55 15.54 -26.75
C PHE A 279 -12.80 16.06 -26.07
N ARG A 280 -13.71 16.64 -26.86
CA ARG A 280 -14.95 17.24 -26.36
C ARG A 280 -15.77 16.33 -25.45
N ASN A 281 -15.93 15.06 -25.81
CA ASN A 281 -16.73 14.17 -24.97
C ASN A 281 -16.00 13.50 -23.80
N VAL A 282 -14.75 13.89 -23.57
CA VAL A 282 -14.02 13.38 -22.41
C VAL A 282 -14.37 14.13 -21.12
N ASP A 283 -14.81 13.39 -20.10
CA ASP A 283 -14.82 13.93 -18.73
C ASP A 283 -13.48 13.57 -18.11
N TRP A 284 -12.61 14.56 -17.98
CA TRP A 284 -11.23 14.30 -17.59
C TRP A 284 -11.11 13.84 -16.14
N ASP A 285 -12.09 14.22 -15.31
CA ASP A 285 -12.12 13.76 -13.92
C ASP A 285 -12.48 12.29 -13.79
N MET A 286 -13.49 11.86 -14.53
CA MET A 286 -13.86 10.45 -14.56
C MET A 286 -12.74 9.62 -15.18
N MET A 287 -12.15 10.11 -16.27
CA MET A 287 -11.03 9.45 -16.92
C MET A 287 -9.89 9.21 -15.92
N GLU A 288 -9.48 10.28 -15.26
CA GLU A 288 -8.39 10.23 -14.29
C GLU A 288 -8.66 9.30 -13.11
N GLN A 289 -9.94 9.12 -12.77
CA GLN A 289 -10.32 8.26 -11.65
C GLN A 289 -10.62 6.84 -12.12
N LYS A 290 -10.29 6.55 -13.36
CA LYS A 290 -10.62 5.29 -13.99
C LYS A 290 -12.11 4.94 -13.87
N GLN A 291 -12.96 5.93 -14.11
CA GLN A 291 -14.41 5.72 -14.10
C GLN A 291 -15.02 5.63 -15.50
N VAL A 292 -14.20 5.81 -16.53
CA VAL A 292 -14.62 5.52 -17.90
C VAL A 292 -14.28 4.08 -18.27
N VAL A 293 -15.30 3.30 -18.64
CA VAL A 293 -15.08 1.90 -19.04
C VAL A 293 -14.22 1.84 -20.30
N PRO A 294 -13.12 1.06 -20.25
CA PRO A 294 -12.26 0.95 -21.43
C PRO A 294 -12.99 0.36 -22.64
N PRO A 295 -12.57 0.73 -23.86
CA PRO A 295 -13.23 0.21 -25.06
C PRO A 295 -12.90 -1.25 -25.38
N PHE A 296 -11.83 -1.79 -24.81
CA PHE A 296 -11.39 -3.14 -25.12
C PHE A 296 -10.88 -3.78 -23.84
N LYS A 297 -11.35 -5.00 -23.55
CA LYS A 297 -10.92 -5.71 -22.35
C LYS A 297 -9.96 -6.84 -22.71
N PRO A 298 -8.71 -6.74 -22.22
CA PRO A 298 -7.72 -7.76 -22.57
C PRO A 298 -8.17 -9.15 -22.13
N ASN A 299 -7.83 -10.16 -22.92
CA ASN A 299 -8.05 -11.55 -22.54
C ASN A 299 -6.94 -12.03 -21.62
N ILE A 300 -7.29 -12.46 -20.42
CA ILE A 300 -6.33 -12.96 -19.45
C ILE A 300 -6.44 -14.49 -19.38
N SER A 301 -5.49 -15.18 -19.99
CA SER A 301 -5.55 -16.64 -20.01
C SER A 301 -4.82 -17.27 -18.83
N GLY A 302 -5.13 -18.54 -18.55
CA GLY A 302 -4.38 -19.32 -17.56
C GLY A 302 -4.24 -18.61 -16.23
N GLU A 303 -3.04 -18.63 -15.67
CA GLU A 303 -2.84 -18.17 -14.29
C GLU A 303 -2.56 -16.67 -14.19
N PHE A 304 -1.83 -16.12 -15.14
CA PHE A 304 -1.29 -14.76 -15.01
C PHE A 304 -1.46 -13.91 -16.26
N GLY A 305 -2.00 -14.51 -17.32
CA GLY A 305 -2.21 -13.78 -18.57
C GLY A 305 -0.97 -13.79 -19.44
N LEU A 306 -0.08 -14.72 -19.15
CA LEU A 306 1.23 -14.71 -19.78
C LEU A 306 1.14 -14.73 -21.30
N ASP A 307 -0.05 -15.04 -21.82
CA ASP A 307 -0.25 -15.14 -23.26
C ASP A 307 -0.20 -13.77 -23.93
N ASN A 308 -0.30 -12.69 -23.15
CA ASN A 308 -0.19 -11.34 -23.70
C ASN A 308 1.25 -10.88 -23.85
N PHE A 309 2.19 -11.66 -23.33
CA PHE A 309 3.62 -11.38 -23.48
C PHE A 309 4.21 -12.21 -24.61
N ASP A 310 5.35 -11.76 -25.14
CA ASP A 310 6.02 -12.47 -26.21
C ASP A 310 6.52 -13.81 -25.68
N SER A 311 6.23 -14.87 -26.43
CA SER A 311 6.66 -16.22 -26.08
C SER A 311 8.18 -16.36 -26.08
N GLN A 312 8.88 -15.47 -26.78
CA GLN A 312 10.33 -15.41 -26.72
C GLN A 312 10.79 -15.37 -25.25
N PHE A 313 10.05 -14.65 -24.42
CA PHE A 313 10.44 -14.43 -23.02
C PHE A 313 9.81 -15.46 -22.09
N THR A 314 8.52 -15.68 -22.22
CA THR A 314 7.80 -16.52 -21.27
C THR A 314 8.25 -17.98 -21.37
N ASN A 315 8.88 -18.33 -22.48
CA ASN A 315 9.46 -19.66 -22.66
C ASN A 315 10.73 -19.89 -21.83
N GLU A 316 11.45 -18.82 -21.52
CA GLU A 316 12.75 -18.94 -20.89
C GLU A 316 12.70 -19.69 -19.56
N PRO A 317 13.83 -20.30 -19.16
CA PRO A 317 13.93 -20.87 -17.82
C PRO A 317 13.84 -19.77 -16.75
N VAL A 318 13.08 -20.02 -15.70
CA VAL A 318 12.91 -19.01 -14.65
C VAL A 318 14.07 -19.06 -13.67
N GLN A 319 15.09 -18.24 -13.95
CA GLN A 319 16.36 -18.30 -13.24
C GLN A 319 17.10 -16.99 -13.45
N LEU A 320 18.05 -16.69 -12.57
CA LEU A 320 19.02 -15.65 -12.83
C LEU A 320 20.37 -16.25 -13.20
N TPO A 321 20.89 -15.86 -14.37
CA TPO A 321 22.14 -16.36 -14.90
CB TPO A 321 22.50 -15.54 -16.14
CG2 TPO A 321 23.69 -16.13 -16.91
OG1 TPO A 321 21.35 -15.47 -16.98
P TPO A 321 20.59 -14.06 -17.23
O1P TPO A 321 21.60 -13.12 -17.81
O2P TPO A 321 20.15 -13.69 -15.82
O3P TPO A 321 19.44 -14.43 -18.14
C TPO A 321 23.26 -16.29 -13.91
O TPO A 321 23.60 -15.22 -13.42
N PRO A 322 23.88 -17.46 -13.60
CA PRO A 322 25.01 -17.47 -12.70
C PRO A 322 26.05 -16.48 -13.19
N ASP A 323 26.80 -15.87 -12.28
CA ASP A 323 27.81 -14.90 -12.69
C ASP A 323 29.15 -15.59 -12.78
N ASP A 324 30.11 -14.93 -13.41
CA ASP A 324 31.50 -15.27 -13.14
C ASP A 324 32.13 -14.28 -12.17
N ASP A 325 32.66 -14.83 -11.09
CA ASP A 325 33.07 -14.05 -9.94
C ASP A 325 34.20 -13.10 -10.29
N ASP A 326 34.86 -13.33 -11.43
CA ASP A 326 35.96 -12.48 -11.88
C ASP A 326 35.46 -11.08 -12.20
N ILE A 327 34.41 -11.01 -13.02
CA ILE A 327 33.81 -9.73 -13.40
C ILE A 327 33.12 -9.12 -12.20
N VAL A 328 32.36 -9.92 -11.49
CA VAL A 328 31.62 -9.42 -10.33
C VAL A 328 32.53 -8.75 -9.30
N ARG A 329 33.69 -9.36 -9.03
CA ARG A 329 34.57 -8.80 -8.01
C ARG A 329 35.16 -7.44 -8.37
N LYS A 330 35.08 -7.07 -9.65
CA LYS A 330 35.62 -5.79 -10.10
C LYS A 330 34.66 -4.63 -9.84
N ILE A 331 33.42 -4.96 -9.54
CA ILE A 331 32.40 -3.93 -9.33
C ILE A 331 32.73 -3.08 -8.11
N ASP A 332 32.79 -1.77 -8.29
CA ASP A 332 32.84 -0.89 -7.14
C ASP A 332 31.46 -0.82 -6.47
N GLN A 333 31.31 -1.52 -5.34
CA GLN A 333 30.01 -1.67 -4.70
C GLN A 333 29.57 -0.37 -4.01
N SER A 334 30.54 0.49 -3.69
CA SER A 334 30.24 1.72 -2.96
C SER A 334 29.22 2.62 -3.66
N GLU A 335 29.20 2.57 -4.99
CA GLU A 335 28.33 3.48 -5.74
C GLU A 335 26.88 3.01 -5.78
N PHE A 336 26.62 1.81 -5.27
CA PHE A 336 25.24 1.35 -5.07
C PHE A 336 24.80 1.36 -3.60
N GLU A 337 25.59 1.98 -2.73
CA GLU A 337 25.16 2.14 -1.35
C GLU A 337 23.89 2.98 -1.30
N GLY A 338 22.92 2.54 -0.51
CA GLY A 338 21.67 3.26 -0.35
C GLY A 338 20.67 2.96 -1.46
N PHE A 339 20.93 1.95 -2.28
CA PHE A 339 20.00 1.57 -3.34
C PHE A 339 18.65 1.11 -2.78
N GLU A 340 18.68 0.40 -1.67
CA GLU A 340 17.49 -0.21 -1.10
C GLU A 340 16.38 0.81 -0.86
N TYR A 341 15.14 0.43 -1.13
CA TYR A 341 13.99 1.32 -0.97
C TYR A 341 12.72 0.46 -0.87
N ILE A 342 11.79 0.89 -0.02
CA ILE A 342 10.45 0.32 0.01
C ILE A 342 9.42 1.46 -0.03
N ASN A 343 8.41 1.31 -0.87
CA ASN A 343 7.43 2.37 -1.08
C ASN A 343 6.80 2.80 0.25
N PRO A 344 6.33 4.05 0.34
CA PRO A 344 5.91 4.55 1.65
C PRO A 344 4.43 4.35 1.95
N LEU A 345 3.74 3.58 1.12
CA LEU A 345 2.30 3.33 1.32
C LEU A 345 2.04 2.22 2.32
N ALA B 2 13.62 12.68 -0.46
CA ALA B 2 14.31 11.82 -1.46
C ALA B 2 13.77 10.39 -1.38
N MET B 3 14.65 9.41 -1.47
CA MET B 3 14.25 8.03 -1.33
C MET B 3 14.99 7.32 -0.20
N ASP B 4 15.36 8.08 0.82
CA ASP B 4 15.95 7.55 2.05
C ASP B 4 14.88 6.87 2.90
N PRO B 5 15.30 6.01 3.83
CA PRO B 5 14.29 5.39 4.68
C PRO B 5 13.49 6.45 5.46
N LEU B 6 12.22 6.15 5.71
CA LEU B 6 11.34 7.10 6.39
C LEU B 6 11.89 7.48 7.76
N GLY B 7 11.80 8.76 8.09
CA GLY B 7 12.09 9.20 9.45
C GLY B 7 11.15 10.33 9.88
N LEU B 8 11.40 10.88 11.06
CA LEU B 8 10.49 11.86 11.66
C LEU B 8 10.27 13.05 10.74
N GLN B 9 11.35 13.49 10.10
CA GLN B 9 11.33 14.62 9.18
C GLN B 9 10.30 14.46 8.05
N ASP B 10 9.87 13.22 7.79
CA ASP B 10 8.98 12.97 6.67
C ASP B 10 7.52 13.16 7.03
N PHE B 11 7.28 13.50 8.31
CA PHE B 11 5.93 13.64 8.82
C PHE B 11 5.62 15.07 9.27
N ASP B 12 4.39 15.50 9.04
CA ASP B 12 3.83 16.67 9.73
C ASP B 12 3.04 16.24 10.96
N LEU B 13 3.29 16.87 12.10
CA LEU B 13 2.51 16.65 13.31
C LEU B 13 1.21 17.46 13.27
N LEU B 14 0.08 16.78 13.46
CA LEU B 14 -1.22 17.42 13.33
C LEU B 14 -1.92 17.67 14.67
N ARG B 15 -1.88 16.69 15.57
CA ARG B 15 -2.61 16.80 16.84
C ARG B 15 -2.10 15.75 17.81
N VAL B 16 -2.20 16.02 19.10
CA VAL B 16 -2.05 14.96 20.10
C VAL B 16 -3.40 14.29 20.30
N ILE B 17 -3.43 12.95 20.23
CA ILE B 17 -4.71 12.26 20.25
C ILE B 17 -4.82 11.22 21.38
N GLY B 18 -3.72 10.96 22.08
CA GLY B 18 -3.73 9.92 23.09
C GLY B 18 -2.49 9.92 23.96
N ARG B 19 -2.65 9.49 25.19
CA ARG B 19 -1.50 9.10 26.00
C ARG B 19 -1.86 7.79 26.68
N GLY B 20 -0.96 6.82 26.59
CA GLY B 20 -1.09 5.61 27.36
C GLY B 20 -0.14 5.66 28.53
N SER B 21 -0.07 4.56 29.29
CA SER B 21 0.87 4.47 30.39
C SER B 21 2.29 4.77 29.89
N TYR B 22 2.59 4.28 28.68
CA TYR B 22 3.98 4.21 28.22
C TYR B 22 4.27 5.15 27.04
N ALA B 23 3.23 5.64 26.38
CA ALA B 23 3.38 6.30 25.09
C ALA B 23 2.55 7.57 24.96
N LYS B 24 2.97 8.43 24.04
CA LYS B 24 2.17 9.57 23.60
C LYS B 24 1.77 9.27 22.15
N VAL B 25 0.51 9.55 21.81
CA VAL B 25 0.02 9.29 20.45
C VAL B 25 -0.36 10.55 19.70
N LEU B 26 0.16 10.68 18.47
CA LEU B 26 -0.20 11.83 17.66
C LEU B 26 -0.81 11.43 16.32
N LEU B 27 -1.70 12.29 15.84
CA LEU B 27 -2.13 12.33 14.45
C LEU B 27 -1.01 12.97 13.64
N VAL B 28 -0.61 12.30 12.56
CA VAL B 28 0.47 12.78 11.70
C VAL B 28 0.11 12.62 10.23
N ARG B 29 0.76 13.41 9.37
CA ARG B 29 0.60 13.28 7.92
C ARG B 29 1.96 12.93 7.32
N LEU B 30 2.01 11.83 6.58
CA LEU B 30 3.20 11.53 5.75
C LEU B 30 3.20 12.50 4.56
N LYS B 31 4.14 13.44 4.58
CA LYS B 31 4.09 14.61 3.71
C LYS B 31 4.07 14.25 2.22
N LYS B 32 4.90 13.30 1.81
CA LYS B 32 5.06 13.00 0.39
C LYS B 32 3.90 12.21 -0.23
N THR B 33 3.12 11.53 0.60
CA THR B 33 1.93 10.83 0.11
C THR B 33 0.59 11.48 0.53
N ASP B 34 0.65 12.38 1.49
CA ASP B 34 -0.55 13.05 2.03
C ASP B 34 -1.49 12.16 2.84
N ARG B 35 -1.03 10.97 3.23
CA ARG B 35 -1.87 10.07 4.00
C ARG B 35 -1.65 10.31 5.48
N ILE B 36 -2.71 10.12 6.27
CA ILE B 36 -2.63 10.34 7.71
C ILE B 36 -2.57 9.05 8.51
N TYR B 37 -1.82 9.10 9.60
CA TYR B 37 -1.65 7.96 10.51
C TYR B 37 -1.67 8.44 11.96
N ALA B 38 -1.87 7.49 12.87
CA ALA B 38 -1.50 7.69 14.27
C ALA B 38 -0.01 7.36 14.45
N MET B 39 0.64 8.02 15.40
CA MET B 39 2.05 7.81 15.67
C MET B 39 2.28 7.67 17.18
N LYS B 40 2.59 6.45 17.58
CA LYS B 40 2.93 6.12 18.95
C LYS B 40 4.39 6.44 19.23
N VAL B 41 4.63 7.20 20.29
CA VAL B 41 5.96 7.74 20.54
C VAL B 41 6.40 7.25 21.91
N VAL B 42 7.51 6.52 21.93
CA VAL B 42 8.00 5.96 23.17
C VAL B 42 9.39 6.47 23.44
N LYS B 43 9.55 7.18 24.54
CA LYS B 43 10.85 7.70 24.92
C LYS B 43 11.82 6.56 25.23
N LYS B 44 13.05 6.70 24.75
CA LYS B 44 14.03 5.62 24.87
C LYS B 44 14.41 5.38 26.33
N GLU B 45 14.39 6.45 27.13
CA GLU B 45 14.66 6.37 28.57
C GLU B 45 13.72 5.40 29.28
N LEU B 46 12.63 5.04 28.61
CA LEU B 46 11.67 4.10 29.16
C LEU B 46 12.07 2.64 28.91
N VAL B 47 13.07 2.44 28.06
CA VAL B 47 13.47 1.10 27.64
C VAL B 47 14.90 0.78 28.07
N ASP B 52 11.82 -6.39 28.32
CA ASP B 52 11.74 -4.94 28.19
C ASP B 52 12.17 -4.46 26.79
N ILE B 53 13.47 -4.49 26.53
CA ILE B 53 13.98 -4.43 25.15
C ILE B 53 13.30 -5.51 24.33
N ASP B 54 12.99 -6.62 24.99
CA ASP B 54 12.24 -7.70 24.38
C ASP B 54 10.76 -7.31 24.20
N TRP B 55 10.25 -6.49 25.11
CA TRP B 55 8.87 -6.04 25.02
C TRP B 55 8.64 -5.16 23.79
N VAL B 56 9.60 -4.30 23.49
CA VAL B 56 9.54 -3.54 22.25
C VAL B 56 9.55 -4.48 21.05
N GLN B 57 10.44 -5.46 21.05
CA GLN B 57 10.43 -6.50 20.03
C GLN B 57 9.09 -7.22 20.00
N THR B 58 8.53 -7.47 21.18
CA THR B 58 7.22 -8.11 21.27
C THR B 58 6.14 -7.30 20.53
N GLU B 59 6.05 -6.01 20.84
CA GLU B 59 5.10 -5.14 20.17
C GLU B 59 5.33 -5.10 18.65
N LYS B 60 6.58 -4.83 18.25
CA LYS B 60 6.94 -4.87 16.85
C LYS B 60 6.51 -6.17 16.18
N HIS B 61 6.79 -7.29 16.84
CA HIS B 61 6.50 -8.60 16.25
C HIS B 61 5.01 -8.81 16.05
N VAL B 62 4.21 -8.45 17.05
CA VAL B 62 2.76 -8.63 16.95
C VAL B 62 2.19 -7.67 15.92
N PHE B 63 2.65 -6.42 15.96
CA PHE B 63 2.28 -5.44 14.94
C PHE B 63 2.48 -6.04 13.56
N GLU B 64 3.52 -6.85 13.42
CA GLU B 64 3.92 -7.38 12.12
C GLU B 64 3.00 -8.51 11.67
N GLN B 65 2.79 -9.48 12.57
CA GLN B 65 1.84 -10.56 12.33
C GLN B 65 0.48 -10.02 11.90
N ALA B 66 0.09 -8.88 12.49
CA ALA B 66 -1.27 -8.37 12.35
C ALA B 66 -1.51 -7.69 11.01
N SER B 67 -0.47 -7.05 10.47
CA SER B 67 -0.63 -5.72 9.90
C SER B 67 -1.30 -5.69 8.54
N ASN B 68 -2.11 -6.69 8.25
CA ASN B 68 -3.19 -6.53 7.28
C ASN B 68 -4.57 -6.82 7.84
N HIS B 69 -4.65 -7.75 8.80
CA HIS B 69 -5.93 -8.16 9.35
C HIS B 69 -6.83 -6.95 9.59
N PRO B 70 -8.12 -7.06 9.21
CA PRO B 70 -9.02 -5.91 9.20
C PRO B 70 -9.45 -5.45 10.61
N PHE B 71 -9.27 -6.31 11.61
CA PHE B 71 -9.77 -6.00 12.96
C PHE B 71 -8.65 -5.88 13.99
N LEU B 72 -7.44 -5.59 13.51
CA LEU B 72 -6.29 -5.35 14.37
C LEU B 72 -5.58 -4.09 13.86
N VAL B 73 -5.03 -3.30 14.76
CA VAL B 73 -4.32 -2.07 14.33
C VAL B 73 -2.98 -2.45 13.70
N GLY B 74 -2.76 -2.02 12.46
CA GLY B 74 -1.56 -2.41 11.73
C GLY B 74 -0.40 -1.42 11.88
N LEU B 75 0.81 -1.90 11.62
CA LEU B 75 2.02 -1.08 11.70
C LEU B 75 2.40 -0.62 10.30
N HIS B 76 2.49 0.70 10.12
CA HIS B 76 2.95 1.23 8.84
C HIS B 76 4.48 1.26 8.79
N SER B 77 5.09 1.85 9.82
CA SER B 77 6.54 2.05 9.85
C SER B 77 7.08 2.32 11.27
N CYS B 78 8.38 2.12 11.44
CA CYS B 78 9.10 2.48 12.67
C CYS B 78 10.30 3.30 12.29
N PHE B 79 10.67 4.22 13.18
CA PHE B 79 11.93 4.93 13.07
C PHE B 79 12.25 5.58 14.39
N GLN B 80 13.38 6.27 14.45
CA GLN B 80 13.91 6.72 15.73
C GLN B 80 14.59 8.09 15.65
N THR B 81 14.59 8.78 16.79
CA THR B 81 15.45 9.95 16.98
C THR B 81 16.40 9.61 18.12
N GLU B 82 17.25 10.57 18.50
CA GLU B 82 18.19 10.32 19.58
C GLU B 82 17.46 9.92 20.85
N SER B 83 16.28 10.47 21.06
CA SER B 83 15.59 10.25 22.32
C SER B 83 14.36 9.33 22.25
N ARG B 84 13.88 9.05 21.03
CA ARG B 84 12.55 8.46 20.87
C ARG B 84 12.46 7.30 19.89
N LEU B 85 11.51 6.39 20.15
CA LEU B 85 11.05 5.42 19.17
C LEU B 85 9.67 5.81 18.66
N PHE B 86 9.44 5.58 17.37
CA PHE B 86 8.15 5.88 16.76
C PHE B 86 7.54 4.67 16.08
N PHE B 87 6.26 4.42 16.37
CA PHE B 87 5.47 3.45 15.63
C PHE B 87 4.36 4.17 14.89
N VAL B 88 4.46 4.22 13.56
CA VAL B 88 3.41 4.79 12.74
C VAL B 88 2.40 3.70 12.42
N ILE B 89 1.15 3.93 12.84
CA ILE B 89 0.13 2.90 12.86
C ILE B 89 -1.17 3.47 12.28
N GLU B 90 -2.12 2.59 11.98
CA GLU B 90 -3.38 3.05 11.41
C GLU B 90 -4.04 4.08 12.35
N TYR B 91 -4.58 5.13 11.76
CA TYR B 91 -5.38 6.12 12.48
C TYR B 91 -6.80 5.58 12.61
N VAL B 92 -7.20 5.25 13.83
CA VAL B 92 -8.54 4.70 14.08
C VAL B 92 -9.34 5.67 14.95
N ASN B 93 -10.37 6.29 14.36
CA ASN B 93 -10.93 7.52 14.93
C ASN B 93 -12.43 7.48 15.17
N GLY B 94 -12.99 6.28 15.29
CA GLY B 94 -14.42 6.16 15.59
C GLY B 94 -14.69 6.05 17.08
N GLY B 95 -13.63 6.12 17.87
CA GLY B 95 -13.76 6.01 19.32
C GLY B 95 -13.49 4.60 19.83
N ASP B 96 -13.99 4.30 21.02
CA ASP B 96 -13.79 2.98 21.61
C ASP B 96 -15.04 2.47 22.31
N LEU B 97 -15.08 1.16 22.57
CA LEU B 97 -16.30 0.54 23.07
C LEU B 97 -16.69 0.98 24.48
N MET B 98 -15.71 1.37 25.29
CA MET B 98 -16.02 1.92 26.61
C MET B 98 -16.85 3.22 26.49
N PHE B 99 -16.38 4.15 25.67
CA PHE B 99 -17.09 5.39 25.40
C PHE B 99 -18.46 5.15 24.73
N HIS B 100 -18.49 4.24 23.76
CA HIS B 100 -19.76 3.86 23.15
C HIS B 100 -20.73 3.32 24.20
N MET B 101 -20.23 2.49 25.11
CA MET B 101 -21.11 1.85 26.09
C MET B 101 -21.70 2.92 27.03
N GLN B 102 -20.89 3.92 27.36
CA GLN B 102 -21.31 4.96 28.29
C GLN B 102 -22.52 5.71 27.72
N ARG B 103 -22.51 5.91 26.41
CA ARG B 103 -23.59 6.59 25.73
C ARG B 103 -24.80 5.65 25.55
N GLN B 104 -24.55 4.46 25.00
CA GLN B 104 -25.64 3.57 24.64
C GLN B 104 -26.27 2.85 25.83
N ARG B 105 -25.52 2.74 26.93
CA ARG B 105 -26.03 2.14 28.16
C ARG B 105 -26.04 0.62 28.09
N LYS B 106 -26.61 0.10 27.02
CA LYS B 106 -26.68 -1.33 26.78
C LYS B 106 -26.92 -1.54 25.29
N LEU B 107 -26.32 -2.58 24.72
CA LEU B 107 -26.45 -2.83 23.29
C LEU B 107 -27.52 -3.89 23.02
N PRO B 108 -28.25 -3.72 21.92
CA PRO B 108 -29.06 -4.81 21.40
C PRO B 108 -28.20 -6.02 21.11
N GLU B 109 -28.76 -7.20 21.34
CA GLU B 109 -28.06 -8.44 21.13
C GLU B 109 -27.43 -8.50 19.74
N GLU B 110 -28.17 -8.04 18.74
CA GLU B 110 -27.66 -8.01 17.38
C GLU B 110 -26.38 -7.18 17.27
N HIS B 111 -26.32 -6.03 17.94
CA HIS B 111 -25.11 -5.20 17.94
C HIS B 111 -23.95 -5.91 18.64
N ALA B 112 -24.25 -6.50 19.80
CA ALA B 112 -23.25 -7.23 20.57
C ALA B 112 -22.76 -8.46 19.82
N ARG B 113 -23.63 -9.07 19.02
CA ARG B 113 -23.23 -10.20 18.18
C ARG B 113 -22.21 -9.75 17.16
N PHE B 114 -22.49 -8.63 16.49
CA PHE B 114 -21.60 -8.10 15.46
C PHE B 114 -20.19 -7.86 16.00
N TYR B 115 -20.08 -7.04 17.03
CA TYR B 115 -18.78 -6.69 17.60
C TYR B 115 -18.03 -7.93 18.07
N SER B 116 -18.74 -8.84 18.73
CA SER B 116 -18.10 -10.01 19.32
C SER B 116 -17.61 -10.99 18.25
N ALA B 117 -18.25 -10.94 17.09
CA ALA B 117 -17.81 -11.71 15.92
C ALA B 117 -16.51 -11.17 15.35
N GLU B 118 -16.46 -9.86 15.11
CA GLU B 118 -15.23 -9.22 14.65
C GLU B 118 -14.09 -9.44 15.62
N ILE B 119 -14.37 -9.33 16.93
CA ILE B 119 -13.35 -9.52 17.97
C ILE B 119 -12.84 -10.98 18.02
N SER B 120 -13.77 -11.93 17.94
CA SER B 120 -13.43 -13.35 17.87
C SER B 120 -12.45 -13.66 16.76
N LEU B 121 -12.76 -13.18 15.56
CA LEU B 121 -11.90 -13.37 14.40
C LEU B 121 -10.50 -12.84 14.67
N ALA B 122 -10.41 -11.76 15.46
CA ALA B 122 -9.13 -11.11 15.72
C ALA B 122 -8.33 -11.87 16.77
N LEU B 123 -8.99 -12.25 17.86
CA LEU B 123 -8.37 -13.11 18.86
C LEU B 123 -7.84 -14.39 18.24
N ASN B 124 -8.69 -15.09 17.49
CA ASN B 124 -8.33 -16.38 16.93
C ASN B 124 -7.16 -16.26 15.94
N TYR B 125 -7.11 -15.13 15.24
CA TYR B 125 -6.00 -14.81 14.34
C TYR B 125 -4.69 -14.69 15.12
N LEU B 126 -4.70 -13.87 16.16
CA LEU B 126 -3.56 -13.81 17.09
C LEU B 126 -3.22 -15.19 17.65
N HIS B 127 -4.25 -15.96 18.01
CA HIS B 127 -4.05 -17.25 18.66
C HIS B 127 -3.29 -18.24 17.79
N GLU B 128 -3.76 -18.42 16.56
CA GLU B 128 -3.14 -19.34 15.63
C GLU B 128 -1.88 -18.71 15.05
N ARG B 129 -1.28 -17.81 15.83
CA ARG B 129 0.04 -17.30 15.54
C ARG B 129 0.87 -17.20 16.80
N GLY B 130 0.46 -17.95 17.81
CA GLY B 130 1.25 -18.11 19.03
C GLY B 130 1.15 -16.92 19.97
N ILE B 131 0.06 -16.16 19.85
CA ILE B 131 -0.05 -14.92 20.59
C ILE B 131 -1.31 -14.92 21.46
N ILE B 132 -1.10 -14.81 22.76
CA ILE B 132 -2.16 -14.49 23.70
C ILE B 132 -2.27 -12.97 23.89
N TYR B 133 -3.44 -12.44 23.60
CA TYR B 133 -3.65 -10.98 23.56
C TYR B 133 -3.62 -10.43 24.99
N ARG B 134 -4.45 -11.03 25.84
CA ARG B 134 -4.31 -10.87 27.29
C ARG B 134 -4.79 -9.54 27.82
N ASP B 135 -5.24 -8.65 26.94
CA ASP B 135 -5.75 -7.35 27.37
C ASP B 135 -7.03 -6.92 26.68
N LEU B 136 -7.95 -7.86 26.51
CA LEU B 136 -9.25 -7.52 25.97
C LEU B 136 -10.05 -6.80 27.06
N LYS B 137 -10.45 -5.57 26.76
CA LYS B 137 -11.38 -4.83 27.60
C LYS B 137 -12.05 -3.76 26.74
N LEU B 138 -13.18 -3.23 27.22
CA LEU B 138 -13.96 -2.28 26.43
C LEU B 138 -13.07 -1.15 25.89
N ASP B 139 -12.12 -0.71 26.70
CA ASP B 139 -11.29 0.44 26.35
C ASP B 139 -10.31 0.09 25.22
N ASN B 140 -10.04 -1.20 25.05
CA ASN B 140 -9.08 -1.67 24.05
C ASN B 140 -9.70 -2.10 22.73
N VAL B 141 -11.02 -1.99 22.63
CA VAL B 141 -11.69 -2.20 21.37
C VAL B 141 -12.05 -0.87 20.74
N LEU B 142 -11.31 -0.49 19.71
CA LEU B 142 -11.59 0.77 19.03
C LEU B 142 -12.66 0.55 17.98
N LEU B 143 -13.35 1.62 17.63
CA LEU B 143 -14.14 1.66 16.42
C LEU B 143 -13.45 2.50 15.34
N ASP B 144 -13.39 1.96 14.13
CA ASP B 144 -12.95 2.76 13.00
C ASP B 144 -14.10 3.62 12.49
N SER B 145 -13.80 4.50 11.53
CA SER B 145 -14.76 5.50 11.09
C SER B 145 -16.04 4.88 10.54
N GLU B 146 -15.98 3.61 10.16
CA GLU B 146 -17.11 2.98 9.51
C GLU B 146 -18.00 2.24 10.50
N GLY B 147 -17.44 1.90 11.65
CA GLY B 147 -18.18 1.16 12.65
C GLY B 147 -17.62 -0.22 12.93
N HIS B 148 -16.55 -0.58 12.23
CA HIS B 148 -15.87 -1.86 12.48
C HIS B 148 -14.88 -1.72 13.64
N ILE B 149 -14.66 -2.82 14.35
CA ILE B 149 -13.76 -2.84 15.49
C ILE B 149 -12.31 -3.05 15.10
N LYS B 150 -11.43 -2.68 16.03
CA LYS B 150 -10.00 -2.90 15.90
C LYS B 150 -9.45 -3.12 17.30
N LEU B 151 -8.83 -4.28 17.52
CA LEU B 151 -8.14 -4.51 18.78
C LEU B 151 -6.85 -3.72 18.81
N THR B 152 -6.52 -3.13 19.96
CA THR B 152 -5.34 -2.29 20.06
C THR B 152 -4.52 -2.59 21.32
N ASP B 153 -3.34 -1.96 21.40
CA ASP B 153 -2.46 -2.11 22.56
C ASP B 153 -2.01 -3.55 22.77
N TYR B 154 -0.93 -3.92 22.09
CA TYR B 154 -0.40 -5.27 22.11
C TYR B 154 0.60 -5.48 23.24
N GLY B 155 0.48 -4.67 24.28
CA GLY B 155 1.53 -4.56 25.29
C GLY B 155 1.56 -5.72 26.27
N MET B 156 0.40 -6.33 26.48
CA MET B 156 0.28 -7.45 27.42
C MET B 156 0.49 -8.79 26.71
N CYS B 157 0.69 -8.75 25.40
CA CYS B 157 0.65 -9.95 24.58
C CYS B 157 1.71 -10.97 25.01
N LYS B 158 1.41 -12.25 24.80
CA LYS B 158 2.44 -13.29 24.81
C LYS B 158 2.61 -13.83 23.41
N GLU B 159 3.86 -13.95 22.96
CA GLU B 159 4.15 -14.18 21.56
C GLU B 159 4.75 -15.56 21.32
N GLY B 160 4.77 -15.98 20.06
CA GLY B 160 5.38 -17.27 19.66
C GLY B 160 4.95 -18.43 20.52
N LEU B 161 3.65 -18.70 20.56
CA LEU B 161 3.10 -19.71 21.46
C LEU B 161 2.90 -21.04 20.75
N ARG B 162 3.87 -21.93 20.92
CA ARG B 162 3.84 -23.24 20.27
C ARG B 162 2.74 -24.12 20.90
N PRO B 163 1.84 -24.65 20.06
CA PRO B 163 0.71 -25.44 20.48
C PRO B 163 0.85 -26.03 21.89
N GLY B 164 1.99 -26.64 22.17
CA GLY B 164 2.19 -27.39 23.40
C GLY B 164 2.09 -26.56 24.67
N ASP B 165 2.88 -25.50 24.75
CA ASP B 165 3.23 -24.89 26.03
C ASP B 165 2.26 -23.80 26.50
N THR B 166 2.55 -23.25 27.67
CA THR B 166 1.69 -22.27 28.32
C THR B 166 2.56 -21.24 29.04
N THR B 167 1.94 -20.21 29.62
CA THR B 167 2.69 -19.18 30.33
C THR B 167 2.16 -18.97 31.75
N SER B 168 2.79 -18.08 32.50
CA SER B 168 2.67 -18.10 33.95
C SER B 168 2.30 -16.76 34.58
N TPO B 169 2.56 -15.67 33.86
CA TPO B 169 2.49 -14.33 34.44
CB TPO B 169 3.04 -13.29 33.47
CG2 TPO B 169 3.21 -11.94 34.15
OG1 TPO B 169 4.31 -13.72 32.97
P TPO B 169 4.51 -14.08 31.42
O1P TPO B 169 5.91 -14.69 31.38
O2P TPO B 169 4.41 -12.77 30.69
O3P TPO B 169 3.41 -15.07 31.12
C TPO B 169 1.10 -13.95 34.86
O TPO B 169 0.15 -14.02 34.08
N PHE B 170 0.94 -13.59 36.14
CA PHE B 170 -0.22 -12.85 36.62
C PHE B 170 -0.29 -11.53 35.86
N CYS B 171 -1.46 -11.19 35.33
CA CYS B 171 -1.51 -10.45 34.08
C CYS B 171 -2.93 -10.09 33.66
N GLY B 172 -3.15 -8.81 33.36
CA GLY B 172 -4.43 -8.36 32.78
C GLY B 172 -5.07 -7.24 33.57
N THR B 173 -6.28 -6.85 33.16
CA THR B 173 -7.10 -5.93 33.93
C THR B 173 -8.08 -6.67 34.83
N PRO B 174 -7.99 -6.43 36.16
CA PRO B 174 -8.65 -7.18 37.23
C PRO B 174 -10.08 -7.64 36.91
N ASN B 175 -10.90 -6.76 36.35
CA ASN B 175 -12.28 -7.11 35.98
C ASN B 175 -12.34 -8.25 34.95
N TYR B 176 -11.28 -8.37 34.16
CA TYR B 176 -11.30 -9.26 33.00
C TYR B 176 -10.44 -10.52 33.17
N ILE B 177 -9.81 -10.67 34.34
CA ILE B 177 -8.80 -11.72 34.50
C ILE B 177 -9.42 -13.10 34.75
N ALA B 178 -9.07 -14.05 33.89
CA ALA B 178 -9.66 -15.39 33.91
C ALA B 178 -9.38 -16.12 35.21
N PRO B 179 -10.19 -17.13 35.54
CA PRO B 179 -10.02 -17.82 36.82
C PRO B 179 -8.73 -18.62 36.91
N GLU B 180 -8.29 -19.19 35.79
CA GLU B 180 -6.98 -19.86 35.73
C GLU B 180 -5.92 -19.00 36.42
N ILE B 181 -5.79 -17.76 35.97
CA ILE B 181 -4.73 -16.88 36.44
C ILE B 181 -4.88 -16.56 37.91
N LEU B 182 -6.10 -16.32 38.34
CA LEU B 182 -6.37 -16.08 39.76
C LEU B 182 -6.00 -17.28 40.60
N ARG B 183 -6.16 -18.48 40.03
CA ARG B 183 -5.81 -19.71 40.74
C ARG B 183 -4.29 -19.90 40.79
N GLY B 184 -3.61 -19.35 39.79
CA GLY B 184 -2.16 -19.25 39.81
C GLY B 184 -1.50 -20.37 39.04
N GLU B 185 -2.14 -20.82 37.97
CA GLU B 185 -1.64 -21.94 37.20
C GLU B 185 -1.26 -21.54 35.78
N ASP B 186 -0.54 -22.42 35.10
CA ASP B 186 -0.18 -22.21 33.70
C ASP B 186 -1.43 -22.09 32.86
N TYR B 187 -1.41 -21.16 31.90
CA TYR B 187 -2.57 -20.89 31.07
C TYR B 187 -2.16 -20.69 29.61
N GLY B 188 -3.10 -20.92 28.70
CA GLY B 188 -2.91 -20.61 27.30
C GLY B 188 -3.94 -19.62 26.78
N PHE B 189 -4.37 -19.82 25.54
CA PHE B 189 -5.34 -18.94 24.90
C PHE B 189 -6.63 -18.82 25.71
N SER B 190 -6.89 -19.79 26.59
CA SER B 190 -8.15 -19.82 27.32
C SER B 190 -8.54 -18.43 27.83
N VAL B 191 -7.57 -17.69 28.35
CA VAL B 191 -7.86 -16.47 29.08
C VAL B 191 -8.47 -15.36 28.20
N ASP B 192 -8.22 -15.42 26.90
CA ASP B 192 -8.80 -14.48 25.97
C ASP B 192 -10.31 -14.73 25.79
N TRP B 193 -10.72 -15.99 25.86
CA TRP B 193 -12.11 -16.32 25.63
C TRP B 193 -12.97 -16.01 26.85
N TRP B 194 -12.39 -16.12 28.03
CA TRP B 194 -13.07 -15.66 29.24
C TRP B 194 -13.28 -14.15 29.15
N ALA B 195 -12.23 -13.43 28.77
CA ALA B 195 -12.29 -11.97 28.68
C ALA B 195 -13.38 -11.51 27.72
N LEU B 196 -13.46 -12.13 26.55
CA LEU B 196 -14.54 -11.83 25.62
C LEU B 196 -15.92 -12.09 26.23
N GLY B 197 -16.02 -13.14 27.04
CA GLY B 197 -17.27 -13.46 27.72
C GLY B 197 -17.67 -12.32 28.63
N VAL B 198 -16.71 -11.81 29.39
CA VAL B 198 -16.95 -10.71 30.31
C VAL B 198 -17.40 -9.49 29.52
N LEU B 199 -16.74 -9.27 28.38
CA LEU B 199 -17.00 -8.10 27.54
C LEU B 199 -18.37 -8.20 26.88
N MET B 200 -18.78 -9.42 26.53
CA MET B 200 -20.10 -9.63 25.94
C MET B 200 -21.18 -9.43 27.00
N PHE B 201 -20.93 -9.93 28.20
CA PHE B 201 -21.80 -9.64 29.31
C PHE B 201 -21.99 -8.14 29.44
N GLU B 202 -20.87 -7.41 29.39
CA GLU B 202 -20.91 -5.96 29.56
C GLU B 202 -21.71 -5.29 28.46
N MET B 203 -21.54 -5.74 27.23
CA MET B 203 -22.26 -5.13 26.11
C MET B 203 -23.75 -5.38 26.22
N MET B 204 -24.12 -6.58 26.62
CA MET B 204 -25.55 -6.95 26.59
C MET B 204 -26.30 -6.59 27.86
N ALA B 205 -25.61 -6.59 29.00
CA ALA B 205 -26.20 -6.24 30.28
C ALA B 205 -25.96 -4.78 30.66
N GLY B 206 -24.92 -4.18 30.10
CA GLY B 206 -24.57 -2.80 30.44
C GLY B 206 -23.91 -2.68 31.82
N ARG B 207 -23.47 -3.80 32.35
CA ARG B 207 -22.74 -3.80 33.62
C ARG B 207 -21.78 -4.99 33.62
N SER B 208 -20.75 -4.93 34.46
CA SER B 208 -19.86 -6.06 34.64
C SER B 208 -20.56 -7.19 35.40
N PRO B 209 -20.24 -8.45 35.05
CA PRO B 209 -20.83 -9.56 35.81
C PRO B 209 -20.33 -9.60 37.26
N PHE B 210 -19.36 -8.74 37.58
CA PHE B 210 -18.80 -8.69 38.93
C PHE B 210 -19.11 -7.39 39.69
N ASP B 211 -20.10 -6.63 39.22
CA ASP B 211 -20.33 -5.29 39.74
C ASP B 211 -20.90 -5.25 41.15
N ILE B 212 -21.15 -6.41 41.75
CA ILE B 212 -21.59 -6.43 43.16
C ILE B 212 -20.50 -5.92 44.10
N VAL B 213 -19.27 -5.83 43.59
CA VAL B 213 -18.17 -5.29 44.37
C VAL B 213 -18.28 -3.77 44.50
N THR B 223 -12.89 -3.96 47.78
CA THR B 223 -11.47 -4.19 47.56
C THR B 223 -11.23 -5.05 46.32
N GLU B 224 -10.01 -5.00 45.80
CA GLU B 224 -9.65 -5.84 44.67
C GLU B 224 -9.54 -7.30 45.08
N ASP B 225 -9.18 -7.52 46.34
CA ASP B 225 -9.09 -8.87 46.88
C ASP B 225 -10.44 -9.58 46.80
N TYR B 226 -11.51 -8.86 47.15
CA TYR B 226 -12.83 -9.47 47.07
C TYR B 226 -13.28 -9.72 45.64
N LEU B 227 -12.89 -8.84 44.72
CA LEU B 227 -13.17 -9.06 43.30
C LEU B 227 -12.73 -10.46 42.88
N PHE B 228 -11.50 -10.81 43.23
CA PHE B 228 -10.91 -12.07 42.79
C PHE B 228 -11.65 -13.27 43.39
N GLN B 229 -11.96 -13.20 44.67
CA GLN B 229 -12.78 -14.22 45.33
C GLN B 229 -14.12 -14.42 44.62
N VAL B 230 -14.73 -13.31 44.18
CA VAL B 230 -16.01 -13.36 43.48
C VAL B 230 -15.89 -13.99 42.09
N ILE B 231 -14.84 -13.63 41.35
CA ILE B 231 -14.57 -14.26 40.07
C ILE B 231 -14.35 -15.76 40.24
N LEU B 232 -13.81 -16.15 41.39
CA LEU B 232 -13.40 -17.53 41.64
C LEU B 232 -14.54 -18.39 42.17
N GLU B 233 -15.34 -17.80 43.06
CA GLU B 233 -16.14 -18.58 43.99
C GLU B 233 -17.64 -18.35 43.78
N LYS B 234 -17.98 -17.34 42.99
CA LYS B 234 -19.37 -16.90 42.86
C LYS B 234 -19.96 -17.25 41.49
N GLN B 235 -21.22 -17.66 41.49
CA GLN B 235 -21.92 -18.03 40.27
C GLN B 235 -22.36 -16.78 39.51
N ILE B 236 -22.18 -16.76 38.20
CA ILE B 236 -22.51 -15.57 37.42
C ILE B 236 -24.00 -15.52 37.07
N ARG B 237 -24.65 -14.44 37.49
CA ARG B 237 -26.08 -14.28 37.32
C ARG B 237 -26.39 -13.60 35.99
N ILE B 238 -26.99 -14.35 35.07
CA ILE B 238 -27.34 -13.81 33.77
C ILE B 238 -28.68 -13.09 33.79
N PRO B 239 -28.69 -11.83 33.32
CA PRO B 239 -29.90 -11.02 33.31
C PRO B 239 -31.08 -11.74 32.67
N ARG B 240 -32.22 -11.72 33.35
CA ARG B 240 -33.42 -12.46 32.93
C ARG B 240 -33.86 -12.04 31.53
N SER B 241 -33.69 -10.76 31.22
CA SER B 241 -34.25 -10.21 29.98
C SER B 241 -33.48 -10.66 28.74
N LEU B 242 -32.34 -11.30 28.93
CA LEU B 242 -31.55 -11.73 27.78
C LEU B 242 -32.17 -12.97 27.15
N SER B 243 -31.95 -13.14 25.85
CA SER B 243 -32.49 -14.29 25.13
C SER B 243 -31.79 -15.58 25.57
N VAL B 244 -32.31 -16.72 25.11
CA VAL B 244 -31.74 -18.01 25.49
C VAL B 244 -30.37 -18.20 24.84
N LYS B 245 -30.26 -17.81 23.57
CA LYS B 245 -28.99 -17.77 22.84
C LYS B 245 -27.93 -16.96 23.60
N ALA B 246 -28.33 -15.81 24.12
CA ALA B 246 -27.37 -14.91 24.77
C ALA B 246 -26.97 -15.46 26.12
N ALA B 247 -27.94 -15.99 26.87
CA ALA B 247 -27.67 -16.61 28.15
C ALA B 247 -26.67 -17.75 27.95
N SER B 248 -26.85 -18.48 26.86
CA SER B 248 -26.06 -19.68 26.59
C SER B 248 -24.62 -19.33 26.22
N VAL B 249 -24.46 -18.35 25.34
CA VAL B 249 -23.11 -17.95 24.91
C VAL B 249 -22.32 -17.39 26.08
N LEU B 250 -22.98 -16.60 26.92
CA LEU B 250 -22.36 -16.03 28.09
C LEU B 250 -21.94 -17.11 29.08
N LYS B 251 -22.82 -18.09 29.31
CA LYS B 251 -22.52 -19.19 30.21
C LYS B 251 -21.39 -20.06 29.67
N SER B 252 -21.35 -20.22 28.35
CA SER B 252 -20.30 -21.03 27.71
C SER B 252 -18.91 -20.40 27.84
N PHE B 253 -18.83 -19.08 27.62
CA PHE B 253 -17.56 -18.36 27.73
C PHE B 253 -17.13 -18.17 29.19
N LEU B 254 -18.11 -18.04 30.08
CA LEU B 254 -17.81 -17.70 31.46
C LEU B 254 -17.74 -18.95 32.34
N ASN B 255 -17.47 -20.08 31.71
CA ASN B 255 -17.17 -21.31 32.44
C ASN B 255 -15.84 -21.24 33.17
N LYS B 256 -15.88 -21.47 34.49
CA LYS B 256 -14.72 -21.23 35.32
C LYS B 256 -13.57 -22.21 35.02
N ASP B 257 -13.85 -23.19 34.18
CA ASP B 257 -12.85 -24.21 33.82
C ASP B 257 -12.42 -24.06 32.37
N PRO B 258 -11.15 -23.69 32.15
CA PRO B 258 -10.64 -23.43 30.81
C PRO B 258 -10.80 -24.61 29.86
N LYS B 259 -10.66 -25.83 30.37
CA LYS B 259 -10.76 -27.02 29.54
C LYS B 259 -12.15 -27.14 28.90
N GLU B 260 -13.18 -26.89 29.71
CA GLU B 260 -14.57 -26.95 29.25
C GLU B 260 -14.97 -25.67 28.52
N ARG B 261 -14.50 -24.53 28.99
CA ARG B 261 -14.94 -23.23 28.48
C ARG B 261 -14.96 -23.20 26.96
N LEU B 262 -15.98 -22.55 26.41
CA LEU B 262 -16.13 -22.38 24.98
C LEU B 262 -14.88 -21.80 24.34
N GLY B 263 -14.40 -22.45 23.28
CA GLY B 263 -13.34 -21.90 22.45
C GLY B 263 -11.96 -22.34 22.90
N CYS B 264 -11.90 -23.08 24.00
CA CYS B 264 -10.62 -23.41 24.62
C CYS B 264 -10.12 -24.80 24.25
N HIS B 265 -10.97 -25.58 23.58
CA HIS B 265 -10.56 -26.89 23.09
C HIS B 265 -9.46 -26.77 22.04
N PRO B 266 -8.32 -27.45 22.27
CA PRO B 266 -7.10 -27.24 21.50
C PRO B 266 -7.26 -27.45 19.99
N GLN B 267 -8.24 -28.25 19.59
CA GLN B 267 -8.40 -28.62 18.18
C GLN B 267 -9.58 -27.91 17.53
N THR B 268 -10.72 -27.95 18.21
CA THR B 268 -11.98 -27.47 17.65
C THR B 268 -12.35 -26.09 18.21
N GLY B 269 -11.46 -25.56 19.05
CA GLY B 269 -11.74 -24.35 19.81
C GLY B 269 -12.57 -23.32 19.05
N PHE B 270 -12.03 -22.82 17.94
CA PHE B 270 -12.67 -21.73 17.21
C PHE B 270 -13.96 -22.21 16.55
N ALA B 271 -13.94 -23.44 16.05
CA ALA B 271 -15.11 -24.03 15.42
C ALA B 271 -16.28 -24.06 16.40
N ASP B 272 -15.99 -24.42 17.65
CA ASP B 272 -17.02 -24.49 18.68
C ASP B 272 -17.69 -23.13 18.85
N ILE B 273 -16.88 -22.07 18.85
CA ILE B 273 -17.38 -20.70 18.88
C ILE B 273 -18.22 -20.37 17.65
N GLN B 274 -17.75 -20.77 16.48
CA GLN B 274 -18.46 -20.45 15.23
C GLN B 274 -19.84 -21.11 15.13
N GLY B 275 -20.01 -22.25 15.80
CA GLY B 275 -21.22 -23.05 15.66
C GLY B 275 -22.16 -22.97 16.86
N HIS B 276 -21.93 -21.99 17.72
CA HIS B 276 -22.84 -21.72 18.83
C HIS B 276 -24.06 -20.97 18.31
N PRO B 277 -25.24 -21.30 18.85
CA PRO B 277 -26.48 -20.73 18.33
C PRO B 277 -26.49 -19.20 18.29
N PHE B 278 -25.89 -18.57 19.29
CA PHE B 278 -25.83 -17.10 19.34
C PHE B 278 -25.30 -16.53 18.02
N PHE B 279 -24.30 -17.17 17.46
CA PHE B 279 -23.61 -16.64 16.28
C PHE B 279 -24.19 -17.22 14.99
N ARG B 280 -25.46 -17.59 15.03
CA ARG B 280 -26.04 -18.42 13.97
C ARG B 280 -26.30 -17.62 12.68
N ASN B 281 -26.67 -16.36 12.84
CA ASN B 281 -26.90 -15.50 11.68
C ASN B 281 -25.64 -14.81 11.16
N VAL B 282 -24.49 -15.18 11.72
CA VAL B 282 -23.23 -14.69 11.20
C VAL B 282 -22.71 -15.63 10.10
N ASP B 283 -22.61 -15.10 8.89
CA ASP B 283 -21.77 -15.75 7.88
C ASP B 283 -20.34 -15.19 7.92
N TRP B 284 -19.44 -16.00 8.46
CA TRP B 284 -18.18 -15.51 9.01
C TRP B 284 -17.23 -15.05 7.92
N ASP B 285 -17.53 -15.42 6.67
CA ASP B 285 -16.67 -15.08 5.54
C ASP B 285 -16.92 -13.65 5.07
N MET B 286 -18.19 -13.29 4.93
CA MET B 286 -18.56 -11.90 4.67
C MET B 286 -18.28 -10.97 5.86
N MET B 287 -18.12 -11.55 7.04
CA MET B 287 -17.76 -10.77 8.23
C MET B 287 -16.26 -10.47 8.24
N GLU B 288 -15.46 -11.52 8.04
CA GLU B 288 -14.01 -11.40 7.95
C GLU B 288 -13.56 -10.49 6.81
N GLN B 289 -14.42 -10.32 5.81
CA GLN B 289 -14.08 -9.49 4.65
C GLN B 289 -14.72 -8.11 4.73
N LYS B 290 -15.21 -7.74 5.90
CA LYS B 290 -15.86 -6.44 6.12
C LYS B 290 -16.98 -6.17 5.12
N GLN B 291 -17.80 -7.17 4.85
CA GLN B 291 -18.94 -6.99 3.96
C GLN B 291 -20.26 -6.89 4.70
N VAL B 292 -20.26 -7.23 5.99
CA VAL B 292 -21.40 -6.95 6.86
C VAL B 292 -21.41 -5.50 7.31
N VAL B 293 -22.42 -4.75 6.89
CA VAL B 293 -22.60 -3.38 7.34
C VAL B 293 -22.77 -3.33 8.86
N PRO B 294 -21.92 -2.53 9.53
CA PRO B 294 -21.96 -2.47 10.99
C PRO B 294 -23.21 -1.78 11.47
N PRO B 295 -23.65 -2.11 12.71
CA PRO B 295 -24.94 -1.68 13.24
C PRO B 295 -24.96 -0.21 13.64
N PHE B 296 -23.79 0.43 13.65
CA PHE B 296 -23.67 1.79 14.17
C PHE B 296 -22.54 2.54 13.47
N LYS B 297 -22.82 3.77 13.04
CA LYS B 297 -21.83 4.58 12.35
C LYS B 297 -21.34 5.75 13.21
N PRO B 298 -20.05 5.73 13.59
CA PRO B 298 -19.50 6.81 14.39
C PRO B 298 -19.68 8.14 13.68
N ASN B 299 -19.82 9.21 14.45
CA ASN B 299 -19.94 10.54 13.88
C ASN B 299 -18.56 11.15 13.66
N ILE B 300 -18.24 11.47 12.42
CA ILE B 300 -16.94 12.04 12.08
C ILE B 300 -17.08 13.46 11.57
N SER B 301 -16.43 14.41 12.24
CA SER B 301 -16.56 15.82 11.88
C SER B 301 -15.24 16.47 11.48
N GLY B 302 -15.33 17.44 10.57
CA GLY B 302 -14.20 18.32 10.27
C GLY B 302 -13.16 17.65 9.42
N GLU B 303 -11.96 18.23 9.40
CA GLU B 303 -10.89 17.79 8.50
C GLU B 303 -10.36 16.41 8.84
N PHE B 304 -10.42 16.03 10.12
CA PHE B 304 -9.66 14.87 10.62
C PHE B 304 -10.46 13.89 11.47
N GLY B 305 -11.63 14.30 11.92
CA GLY B 305 -12.44 13.45 12.80
C GLY B 305 -11.91 13.35 14.22
N LEU B 306 -11.55 14.49 14.80
CA LEU B 306 -10.88 14.50 16.09
C LEU B 306 -11.83 14.41 17.29
N ASP B 307 -13.13 14.37 17.03
CA ASP B 307 -14.10 14.61 18.10
C ASP B 307 -14.32 13.38 18.97
N ASN B 308 -13.87 12.23 18.49
CA ASN B 308 -14.02 10.99 19.25
C ASN B 308 -12.82 10.74 20.18
N PHE B 309 -11.82 11.61 20.10
CA PHE B 309 -10.73 11.61 21.08
C PHE B 309 -10.96 12.59 22.22
N ASP B 310 -10.39 12.29 23.38
CA ASP B 310 -10.56 13.12 24.57
C ASP B 310 -9.89 14.48 24.40
N SER B 311 -10.66 15.54 24.61
CA SER B 311 -10.15 16.88 24.38
C SER B 311 -8.97 17.23 25.29
N GLN B 312 -8.86 16.52 26.40
CA GLN B 312 -7.67 16.54 27.24
C GLN B 312 -6.40 16.29 26.41
N PHE B 313 -6.51 15.39 25.44
CA PHE B 313 -5.36 15.08 24.59
C PHE B 313 -5.25 16.04 23.42
N THR B 314 -6.37 16.26 22.73
CA THR B 314 -6.36 17.07 21.50
C THR B 314 -6.10 18.55 21.76
N ASN B 315 -6.20 18.96 23.02
CA ASN B 315 -5.88 20.32 23.41
C ASN B 315 -4.43 20.55 23.81
N GLU B 316 -3.63 19.48 23.78
CA GLU B 316 -2.19 19.61 24.03
C GLU B 316 -1.48 20.35 22.90
N PRO B 317 -0.38 21.03 23.23
CA PRO B 317 0.42 21.61 22.16
C PRO B 317 0.90 20.50 21.21
N VAL B 318 0.94 20.81 19.92
CA VAL B 318 1.28 19.81 18.91
C VAL B 318 2.80 19.81 18.74
N GLN B 319 3.47 19.04 19.58
CA GLN B 319 4.93 19.07 19.67
C GLN B 319 5.43 17.78 20.31
N LEU B 320 6.72 17.53 20.18
CA LEU B 320 7.40 16.60 21.06
C LEU B 320 8.15 17.40 22.11
N TPO B 321 8.01 16.99 23.37
CA TPO B 321 8.72 17.65 24.45
CB TPO B 321 8.43 16.91 25.75
CG2 TPO B 321 8.87 17.74 26.94
OG1 TPO B 321 7.02 16.71 25.81
P TPO B 321 6.36 15.25 25.70
O1P TPO B 321 6.86 14.51 26.90
O2P TPO B 321 6.86 14.74 24.35
O3P TPO B 321 4.89 15.56 25.71
C TPO B 321 10.19 17.69 24.18
O TPO B 321 10.78 16.67 23.79
N PRO B 322 10.81 18.87 24.35
CA PRO B 322 12.24 19.05 24.07
C PRO B 322 13.11 18.11 24.86
N ASP B 323 14.28 17.78 24.31
CA ASP B 323 15.18 16.80 24.91
C ASP B 323 15.92 17.39 26.12
N ASP B 324 16.26 16.52 27.06
CA ASP B 324 17.14 16.84 28.18
C ASP B 324 18.47 16.10 28.02
N ASP B 325 19.55 16.84 27.80
CA ASP B 325 20.83 16.23 27.46
C ASP B 325 21.52 15.54 28.63
N ASP B 326 21.03 15.78 29.83
CA ASP B 326 21.45 15.04 31.01
C ASP B 326 20.87 13.63 31.00
N ILE B 327 19.73 13.48 30.35
CA ILE B 327 19.10 12.18 30.23
C ILE B 327 19.57 11.49 28.93
N VAL B 328 19.58 12.26 27.84
CA VAL B 328 19.74 11.69 26.50
C VAL B 328 21.17 11.22 26.25
N ARG B 329 22.13 11.94 26.83
CA ARG B 329 23.53 11.53 26.84
C ARG B 329 23.74 10.11 27.35
N LYS B 330 22.90 9.67 28.29
CA LYS B 330 23.13 8.40 28.96
C LYS B 330 22.54 7.22 28.19
N ILE B 331 21.81 7.52 27.12
CA ILE B 331 21.13 6.47 26.38
C ILE B 331 22.15 5.60 25.64
N ASP B 332 22.00 4.30 25.75
CA ASP B 332 22.81 3.34 24.98
C ASP B 332 22.17 3.10 23.61
N GLN B 333 22.65 3.81 22.60
CA GLN B 333 21.97 3.81 21.30
C GLN B 333 22.04 2.47 20.57
N SER B 334 23.06 1.67 20.87
CA SER B 334 23.25 0.40 20.18
C SER B 334 22.10 -0.55 20.48
N GLU B 335 21.40 -0.30 21.59
CA GLU B 335 20.23 -1.10 21.96
C GLU B 335 19.10 -0.98 20.93
N PHE B 336 19.16 0.04 20.08
CA PHE B 336 18.04 0.37 19.18
C PHE B 336 18.48 0.27 17.72
N GLU B 337 19.63 -0.37 17.50
CA GLU B 337 20.04 -0.73 16.14
C GLU B 337 19.00 -1.57 15.43
N GLY B 338 18.77 -1.29 14.16
CA GLY B 338 17.82 -2.08 13.37
C GLY B 338 16.37 -1.89 13.77
N PHE B 339 16.07 -0.82 14.52
CA PHE B 339 14.68 -0.49 14.84
C PHE B 339 13.85 -0.15 13.59
N GLU B 340 14.44 0.58 12.65
CA GLU B 340 13.73 0.99 11.44
C GLU B 340 12.96 -0.16 10.79
N TYR B 341 11.77 0.14 10.29
CA TYR B 341 10.91 -0.84 9.62
C TYR B 341 9.91 -0.13 8.72
N ILE B 342 9.65 -0.69 7.55
CA ILE B 342 8.56 -0.21 6.71
C ILE B 342 7.78 -1.43 6.23
N ASN B 343 6.45 -1.35 6.29
CA ASN B 343 5.60 -2.47 5.92
C ASN B 343 5.81 -2.89 4.46
N PRO B 344 5.61 -4.18 4.16
CA PRO B 344 5.96 -4.76 2.86
C PRO B 344 4.84 -4.66 1.82
N LEU B 345 3.74 -4.01 2.16
CA LEU B 345 2.64 -3.83 1.21
C LEU B 345 2.92 -2.73 0.20
S SO4 C . -5.80 7.85 -48.01
O1 SO4 C . -6.69 8.99 -47.83
O2 SO4 C . -5.86 7.43 -49.40
O3 SO4 C . -4.44 8.20 -47.64
O4 SO4 C . -6.24 6.74 -47.15
S SO4 D . 0.02 -18.78 -17.44
O1 SO4 D . -0.43 -17.39 -17.26
O2 SO4 D . 0.74 -18.90 -18.70
O3 SO4 D . 0.88 -19.17 -16.32
O4 SO4 D . -1.16 -19.65 -17.47
S SO4 E . 1.72 9.96 -47.43
O1 SO4 E . 1.27 9.73 -46.06
O2 SO4 E . 0.76 9.36 -48.36
O3 SO4 E . 1.82 11.39 -47.69
O4 SO4 E . 3.03 9.34 -47.62
S SO4 F . 17.50 13.40 16.44
O1 SO4 F . 18.77 14.11 16.38
O2 SO4 F . 16.44 14.24 15.89
O3 SO4 F . 17.60 12.16 15.68
O4 SO4 F . 17.19 13.09 17.84
#